data_2GTZ
#
_entry.id   2GTZ
#
_cell.length_a   58.400
_cell.length_b   84.310
_cell.length_c   84.140
_cell.angle_alpha   90.00
_cell.angle_beta   90.13
_cell.angle_gamma   90.00
#
_symmetry.space_group_name_H-M   'P 1 21 1'
#
loop_
_entity.id
_entity.type
_entity.pdbx_description
1 polymer 'HLA-A*0201 heavy chain'
2 polymer Beta-2-microglobulin
3 polymer 'octapeptide from Melan-A/MART-1'
4 non-polymer GLYCEROL
5 non-polymer 'SODIUM ION'
6 water water
#
loop_
_entity_poly.entity_id
_entity_poly.type
_entity_poly.pdbx_seq_one_letter_code
_entity_poly.pdbx_strand_id
1 'polypeptide(L)'
;GSHSMRYFFTSVSRPGRGEPRFIAVGYVDDTQFVRFDSDAASQRMEPRAPWIEQEGPEYWDGETRKVKAHSQTHRVDLGT
LRGYYNQSEAGSHTVQRMYGCDVGSDWRFLRGYHQYAYDGKDYIALKEDLRSWTAADMAAQTTKHKWEAAHVAEQLRAYL
EGTCVEWLRRYLENGKETLQRTDAPKTHMTHHAVSDHEATLRCWALSFYPAEITLTWQRDGEDQTQDTELVETRPAGDGT
FQKWAAVVVPSGQEQRYTCHVQHEGLPKPLTLRWE
;
A,D
2 'polypeptide(L)'
;MIQRTPKIQVYSRHPAENGKSNFLNCYVSGFHPSDIEVDLLKNGERIEKVEHSDLSFSKDWSFYLLYYTEFTPTEKDEYA
CRVNHVTLSQPKIVKWDRDM
;
B,E
3 'polypeptide(L)' ALGIGILTV C,F
#
loop_
_chem_comp.id
_chem_comp.type
_chem_comp.name
_chem_comp.formula
GOL non-polymer GLYCEROL 'C3 H8 O3'
NA non-polymer 'SODIUM ION' 'Na 1'
#
# COMPACT_ATOMS: atom_id res chain seq x y z
N GLY A 1 8.07 3.21 -14.07
CA GLY A 1 7.19 4.19 -14.77
C GLY A 1 6.77 5.31 -13.84
N SER A 2 6.81 5.09 -12.53
CA SER A 2 6.29 6.08 -11.60
C SER A 2 7.39 7.11 -11.25
N HIS A 3 6.97 8.35 -10.90
CA HIS A 3 7.93 9.46 -10.61
C HIS A 3 7.61 10.36 -9.38
N SER A 4 8.63 11.03 -8.82
CA SER A 4 8.41 11.91 -7.71
C SER A 4 9.24 13.19 -7.83
N MET A 5 8.76 14.28 -7.25
CA MET A 5 9.61 15.46 -7.01
C MET A 5 9.64 15.69 -5.52
N ARG A 6 10.82 15.91 -4.92
CA ARG A 6 10.86 16.12 -3.49
C ARG A 6 11.88 17.23 -3.21
N TYR A 7 11.60 18.09 -2.23
CA TYR A 7 12.55 19.08 -1.74
C TYR A 7 12.90 18.73 -0.31
N PHE A 8 14.18 18.85 0.06
CA PHE A 8 14.67 18.45 1.40
C PHE A 8 15.37 19.66 2.00
N PHE A 9 15.03 20.03 3.22
CA PHE A 9 15.58 21.22 3.84
C PHE A 9 16.11 20.84 5.20
N THR A 10 17.31 21.33 5.53
CA THR A 10 17.90 21.07 6.84
C THR A 10 18.38 22.39 7.45
N SER A 11 17.99 22.71 8.69
CA SER A 11 18.57 23.91 9.36
C SER A 11 19.14 23.47 10.68
N VAL A 12 20.36 23.87 10.93
CA VAL A 12 21.02 23.49 12.16
C VAL A 12 21.50 24.73 12.90
N SER A 13 21.17 24.82 14.18
CA SER A 13 21.62 25.96 14.96
C SER A 13 23.04 25.74 15.37
N ARG A 14 23.78 26.83 15.52
CA ARG A 14 25.10 26.71 16.06
C ARG A 14 25.38 27.74 17.17
N PRO A 15 25.04 27.39 18.41
CA PRO A 15 25.29 28.20 19.63
C PRO A 15 26.56 29.00 19.62
N GLY A 16 26.40 30.32 19.57
CA GLY A 16 27.51 31.30 19.64
C GLY A 16 28.52 31.31 18.49
N ARG A 17 28.13 30.73 17.36
CA ARG A 17 28.99 30.66 16.19
C ARG A 17 28.20 31.20 15.02
N GLY A 18 27.27 32.12 15.32
CA GLY A 18 26.52 32.83 14.29
C GLY A 18 25.16 32.25 13.92
N GLU A 19 24.71 32.59 12.71
CA GLU A 19 23.42 32.19 12.14
C GLU A 19 23.34 30.67 11.97
N PRO A 20 22.12 30.11 11.95
CA PRO A 20 22.03 28.68 11.64
C PRO A 20 22.43 28.33 10.22
N ARG A 21 22.88 27.07 10.03
CA ARG A 21 23.29 26.58 8.71
C ARG A 21 22.00 26.17 8.04
N PHE A 22 21.80 26.51 6.78
CA PHE A 22 20.60 26.10 6.08
C PHE A 22 20.99 25.48 4.75
N ILE A 23 20.54 24.25 4.47
CA ILE A 23 20.85 23.59 3.17
C ILE A 23 19.55 23.09 2.54
N ALA A 24 19.28 23.40 1.27
CA ALA A 24 18.07 22.91 0.58
C ALA A 24 18.52 22.14 -0.66
N VAL A 25 17.93 20.97 -0.91
CA VAL A 25 18.20 20.27 -2.17
C VAL A 25 16.88 19.80 -2.79
N GLY A 26 16.84 19.67 -4.12
CA GLY A 26 15.60 19.25 -4.80
C GLY A 26 15.97 18.05 -5.64
N TYR A 27 15.10 17.03 -5.67
CA TYR A 27 15.30 15.84 -6.51
C TYR A 27 14.08 15.59 -7.40
N VAL A 28 14.32 15.08 -8.60
CA VAL A 28 13.33 14.33 -9.37
C VAL A 28 13.77 12.88 -9.29
N ASP A 29 12.92 12.04 -8.72
CA ASP A 29 13.28 10.63 -8.48
C ASP A 29 14.61 10.63 -7.68
N ASP A 30 15.62 9.90 -8.16
CA ASP A 30 16.92 9.80 -7.50
C ASP A 30 17.97 10.67 -8.15
N THR A 31 17.54 11.76 -8.81
CA THR A 31 18.48 12.64 -9.47
C THR A 31 18.33 14.04 -8.88
N GLN A 32 19.39 14.57 -8.29
CA GLN A 32 19.35 15.92 -7.68
C GLN A 32 19.41 16.94 -8.79
N PHE A 33 18.70 18.05 -8.63
CA PHE A 33 18.70 19.06 -9.68
C PHE A 33 18.98 20.49 -9.21
N VAL A 34 18.77 20.77 -7.91
CA VAL A 34 19.09 22.12 -7.38
C VAL A 34 19.69 22.02 -5.99
N ARG A 35 20.41 23.07 -5.59
CA ARG A 35 20.86 23.22 -4.18
C ARG A 35 20.89 24.68 -3.78
N PHE A 36 20.77 24.92 -2.49
CA PHE A 36 21.08 26.18 -1.91
C PHE A 36 21.82 25.88 -0.60
N ASP A 37 22.93 26.59 -0.35
CA ASP A 37 23.64 26.47 0.93
C ASP A 37 23.80 27.88 1.48
N SER A 38 23.28 28.14 2.70
CA SER A 38 23.37 29.49 3.32
C SER A 38 24.81 29.90 3.61
N ASP A 39 25.70 28.94 3.72
CA ASP A 39 27.07 29.31 4.00
C ASP A 39 27.89 29.64 2.78
N ALA A 40 27.36 29.30 1.60
CA ALA A 40 28.13 29.50 0.36
C ALA A 40 28.19 30.95 -0.07
N ALA A 41 29.16 31.26 -0.94
CA ALA A 41 29.39 32.61 -1.40
C ALA A 41 28.27 33.18 -2.28
N SER A 42 27.69 32.34 -3.13
CA SER A 42 26.78 32.80 -4.18
C SER A 42 25.47 33.38 -3.68
N GLN A 43 24.94 32.79 -2.61
CA GLN A 43 23.61 33.12 -2.10
C GLN A 43 22.54 32.97 -3.17
N ARG A 44 22.70 31.94 -4.01
CA ARG A 44 21.78 31.67 -5.11
C ARG A 44 21.33 30.23 -5.05
N MET A 45 20.10 29.97 -5.47
CA MET A 45 19.73 28.60 -5.86
C MET A 45 20.58 28.24 -7.09
N GLU A 46 21.24 27.09 -7.06
CA GLU A 46 22.14 26.67 -8.12
C GLU A 46 21.74 25.34 -8.79
N PRO A 47 21.98 25.22 -10.11
CA PRO A 47 21.71 23.96 -10.83
C PRO A 47 22.67 22.87 -10.42
N ARG A 48 22.16 21.64 -10.36
CA ARG A 48 22.95 20.44 -10.04
C ARG A 48 22.59 19.32 -11.04
N ALA A 49 21.89 19.63 -12.12
CA ALA A 49 21.63 18.64 -13.20
C ALA A 49 21.69 19.40 -14.50
N PRO A 50 22.22 18.79 -15.57
CA PRO A 50 22.26 19.48 -16.87
C PRO A 50 20.94 20.05 -17.41
N TRP A 51 19.86 19.30 -17.27
CA TRP A 51 18.60 19.67 -17.85
C TRP A 51 17.84 20.80 -17.16
N ILE A 52 18.31 21.23 -15.99
CA ILE A 52 17.67 22.38 -15.33
C ILE A 52 18.39 23.67 -15.75
N GLU A 53 19.59 23.54 -16.33
CA GLU A 53 20.39 24.74 -16.72
C GLU A 53 19.73 25.63 -17.74
N GLN A 54 18.83 25.06 -18.53
CA GLN A 54 18.14 25.84 -19.55
C GLN A 54 17.06 26.74 -19.01
N GLU A 55 16.66 26.61 -17.74
CA GLU A 55 15.65 27.48 -17.17
C GLU A 55 16.21 28.89 -17.12
N GLY A 56 15.35 29.86 -17.42
CA GLY A 56 15.78 31.23 -17.61
C GLY A 56 15.98 31.99 -16.31
N PRO A 57 16.38 33.25 -16.41
CA PRO A 57 16.74 34.10 -15.26
C PRO A 57 15.59 34.29 -14.25
N GLU A 58 14.34 34.32 -14.74
CA GLU A 58 13.18 34.41 -13.86
C GLU A 58 13.01 33.20 -12.93
N TYR A 59 13.36 32.02 -13.44
CA TYR A 59 13.31 30.84 -12.66
C TYR A 59 14.32 30.93 -11.56
N TRP A 60 15.57 31.25 -11.89
CA TRP A 60 16.63 31.27 -10.85
C TRP A 60 16.45 32.38 -9.80
N ASP A 61 15.96 33.54 -10.24
CA ASP A 61 15.64 34.65 -9.32
C ASP A 61 14.52 34.27 -8.36
N GLY A 62 13.48 33.64 -8.90
CA GLY A 62 12.31 33.30 -8.12
C GLY A 62 12.60 32.16 -7.17
N GLU A 63 13.33 31.15 -7.64
CA GLU A 63 13.75 30.07 -6.79
C GLU A 63 14.70 30.52 -5.70
N THR A 64 15.58 31.46 -5.99
CA THR A 64 16.47 32.04 -4.95
C THR A 64 15.66 32.81 -3.91
N ARG A 65 14.72 33.64 -4.37
CA ARG A 65 13.83 34.38 -3.47
C ARG A 65 13.05 33.44 -2.53
N LYS A 66 12.48 32.39 -3.12
CA LYS A 66 11.67 31.45 -2.34
C LYS A 66 12.50 30.66 -1.35
N VAL A 67 13.70 30.23 -1.77
CA VAL A 67 14.54 29.42 -0.88
C VAL A 67 15.09 30.21 0.30
N LYS A 68 15.36 31.50 0.07
CA LYS A 68 15.76 32.40 1.15
C LYS A 68 14.61 32.60 2.13
N ALA A 69 13.38 32.69 1.63
CA ALA A 69 12.18 32.78 2.52
C ALA A 69 12.02 31.54 3.38
N HIS A 70 12.23 30.37 2.78
CA HIS A 70 12.25 29.12 3.53
C HIS A 70 13.36 29.15 4.59
N SER A 71 14.54 29.63 4.19
CA SER A 71 15.65 29.74 5.14
C SER A 71 15.28 30.59 6.36
N GLN A 72 14.62 31.72 6.10
CA GLN A 72 14.27 32.65 7.18
C GLN A 72 13.22 32.04 8.10
N THR A 73 12.29 31.29 7.53
CA THR A 73 11.25 30.69 8.35
C THR A 73 11.87 29.65 9.28
N HIS A 74 12.82 28.86 8.75
CA HIS A 74 13.43 27.83 9.58
C HIS A 74 14.34 28.43 10.64
N ARG A 75 14.97 29.56 10.35
CA ARG A 75 15.70 30.31 11.34
C ARG A 75 14.85 30.68 12.57
N VAL A 76 13.69 31.26 12.30
CA VAL A 76 12.72 31.58 13.36
C VAL A 76 12.27 30.31 14.11
N ASP A 77 11.92 29.27 13.36
CA ASP A 77 11.57 27.93 13.93
C ASP A 77 12.53 27.42 14.99
N LEU A 78 13.83 27.57 14.81
CA LEU A 78 14.78 27.00 15.76
C LEU A 78 14.63 27.71 17.12
N GLY A 79 14.39 29.02 17.10
CA GLY A 79 14.11 29.73 18.33
C GLY A 79 12.76 29.33 18.97
N THR A 80 11.73 29.22 18.14
CA THR A 80 10.36 28.87 18.61
C THR A 80 10.35 27.47 19.24
N LEU A 81 11.01 26.52 18.58
CA LEU A 81 11.09 25.15 19.09
C LEU A 81 11.90 25.05 20.40
N ARG A 82 12.97 25.83 20.54
CA ARG A 82 13.61 25.85 21.82
C ARG A 82 12.65 26.34 22.96
N GLY A 83 11.74 27.27 22.63
CA GLY A 83 10.78 27.80 23.61
C GLY A 83 9.72 26.74 23.86
N TYR A 84 9.28 26.08 22.79
CA TYR A 84 8.27 25.03 23.00
C TYR A 84 8.74 23.88 23.90
N TYR A 85 10.01 23.55 23.80
CA TYR A 85 10.59 22.40 24.52
C TYR A 85 11.39 22.81 25.74
N ASN A 86 11.37 24.11 26.07
CA ASN A 86 12.11 24.63 27.24
C ASN A 86 13.61 24.24 27.19
N GLN A 87 14.18 24.38 26.00
CA GLN A 87 15.60 24.04 25.82
C GLN A 87 16.53 25.22 25.93
N SER A 88 17.77 24.98 26.33
CA SER A 88 18.69 26.08 26.49
C SER A 88 19.47 26.41 25.20
N GLU A 89 20.39 27.37 25.30
CA GLU A 89 21.34 27.57 24.17
C GLU A 89 22.69 26.85 24.31
N ALA A 90 22.78 25.87 25.19
CA ALA A 90 24.08 25.14 25.33
C ALA A 90 24.36 24.18 24.14
N GLY A 91 23.29 23.80 23.44
CA GLY A 91 23.33 22.83 22.38
C GLY A 91 22.78 23.15 21.00
N SER A 92 23.24 22.39 20.02
CA SER A 92 22.81 22.59 18.64
C SER A 92 21.55 21.76 18.42
N HIS A 93 20.63 22.24 17.61
CA HIS A 93 19.43 21.48 17.30
C HIS A 93 19.15 21.49 15.78
N THR A 94 18.30 20.58 15.30
CA THR A 94 18.15 20.36 13.87
C THR A 94 16.66 20.38 13.50
N VAL A 95 16.29 21.21 12.51
CA VAL A 95 14.94 21.12 11.91
C VAL A 95 15.09 20.55 10.49
N GLN A 96 14.16 19.68 10.11
CA GLN A 96 14.16 19.16 8.72
C GLN A 96 12.75 19.24 8.22
N ARG A 97 12.64 19.54 6.93
CA ARG A 97 11.34 19.58 6.28
C ARG A 97 11.49 18.87 4.94
N MET A 98 10.48 18.14 4.53
CA MET A 98 10.55 17.53 3.21
C MET A 98 9.18 17.58 2.64
N TYR A 99 9.07 17.93 1.37
CA TYR A 99 7.75 17.87 0.75
C TYR A 99 7.79 17.56 -0.72
N GLY A 100 6.65 17.15 -1.29
CA GLY A 100 6.64 16.85 -2.71
C GLY A 100 5.47 16.02 -3.17
N CYS A 101 5.53 15.58 -4.43
CA CYS A 101 4.38 14.87 -5.02
C CYS A 101 4.85 13.62 -5.73
N ASP A 102 4.02 12.55 -5.78
CA ASP A 102 4.31 11.36 -6.57
C ASP A 102 3.29 11.32 -7.71
N VAL A 103 3.70 10.84 -8.90
CA VAL A 103 2.79 10.51 -10.02
C VAL A 103 3.01 9.07 -10.50
N GLY A 104 2.03 8.46 -11.13
CA GLY A 104 2.21 7.08 -11.55
C GLY A 104 2.78 7.03 -12.96
N SER A 105 2.63 5.87 -13.63
CA SER A 105 3.11 5.65 -14.99
C SER A 105 2.58 6.65 -16.00
N ASP A 106 1.40 7.20 -15.72
CA ASP A 106 0.67 8.04 -16.68
C ASP A 106 0.85 9.50 -16.33
N TRP A 107 1.68 9.75 -15.33
CA TRP A 107 2.09 11.08 -14.85
C TRP A 107 0.95 11.83 -14.19
N ARG A 108 -0.06 11.07 -13.78
CA ARG A 108 -1.14 11.64 -13.01
C ARG A 108 -0.80 11.55 -11.51
N PHE A 109 -1.13 12.62 -10.80
CA PHE A 109 -1.00 12.70 -9.32
C PHE A 109 -1.44 11.42 -8.59
N LEU A 110 -0.56 10.92 -7.71
CA LEU A 110 -0.85 9.77 -6.88
C LEU A 110 -1.11 10.29 -5.45
N ARG A 111 -0.09 10.93 -4.90
CA ARG A 111 -0.11 11.39 -3.52
C ARG A 111 0.86 12.54 -3.27
N GLY A 112 0.56 13.31 -2.22
CA GLY A 112 1.42 14.42 -1.82
C GLY A 112 1.84 14.26 -0.39
N TYR A 113 2.94 14.94 -0.02
CA TYR A 113 3.43 14.87 1.37
C TYR A 113 4.13 16.14 1.79
N HIS A 114 4.12 16.46 3.09
CA HIS A 114 4.76 17.66 3.60
C HIS A 114 4.95 17.38 5.08
N GLN A 115 6.21 17.14 5.47
CA GLN A 115 6.60 16.56 6.75
C GLN A 115 7.70 17.41 7.40
N TYR A 116 7.71 17.46 8.74
CA TYR A 116 8.65 18.30 9.48
C TYR A 116 9.16 17.46 10.62
N ALA A 117 10.47 17.56 10.93
CA ALA A 117 11.04 16.82 12.05
C ALA A 117 11.86 17.78 12.87
N TYR A 118 11.94 17.52 14.16
CA TYR A 118 12.82 18.31 15.04
C TYR A 118 13.72 17.34 15.80
N ASP A 119 15.02 17.57 15.73
CA ASP A 119 16.05 16.70 16.33
C ASP A 119 15.87 15.22 15.95
N GLY A 120 15.58 14.98 14.67
CA GLY A 120 15.55 13.62 14.15
C GLY A 120 14.28 12.82 14.32
N LYS A 121 13.23 13.46 14.86
CA LYS A 121 11.98 12.75 15.21
C LYS A 121 10.84 13.46 14.48
N ASP A 122 9.81 12.73 14.05
CA ASP A 122 8.62 13.41 13.50
C ASP A 122 8.11 14.49 14.43
N TYR A 123 7.69 15.61 13.82
CA TYR A 123 7.13 16.72 14.54
C TYR A 123 5.70 16.95 14.08
N ILE A 124 5.53 17.36 12.82
CA ILE A 124 4.12 17.45 12.29
C ILE A 124 4.14 17.06 10.79
N ALA A 125 3.03 16.53 10.26
CA ALA A 125 3.00 16.14 8.85
C ALA A 125 1.57 16.28 8.39
N LEU A 126 1.41 16.65 7.12
CA LEU A 126 0.11 16.61 6.47
C LEU A 126 -0.30 15.16 6.32
N LYS A 127 -1.58 14.92 6.56
CA LYS A 127 -2.13 13.61 6.31
C LYS A 127 -2.35 13.40 4.83
N GLU A 128 -2.67 12.16 4.45
CA GLU A 128 -2.80 11.78 3.02
C GLU A 128 -3.92 12.55 2.29
N ASP A 129 -4.93 13.01 3.04
CA ASP A 129 -6.01 13.79 2.41
C ASP A 129 -5.61 15.25 2.11
N LEU A 130 -4.42 15.65 2.61
CA LEU A 130 -3.90 17.00 2.47
C LEU A 130 -4.79 18.11 3.08
N ARG A 131 -5.67 17.71 4.01
CA ARG A 131 -6.70 18.56 4.64
C ARG A 131 -6.51 18.61 6.15
N SER A 132 -5.59 17.80 6.66
CA SER A 132 -5.44 17.71 8.12
C SER A 132 -4.04 17.30 8.50
N TRP A 133 -3.72 17.43 9.79
CA TRP A 133 -2.37 17.26 10.28
C TRP A 133 -2.21 16.13 11.30
N THR A 134 -1.05 15.52 11.29
CA THR A 134 -0.66 14.55 12.32
C THR A 134 0.44 15.18 13.16
N ALA A 135 0.15 15.42 14.44
CA ALA A 135 1.13 16.12 15.29
C ALA A 135 1.64 15.09 16.28
N ALA A 136 2.96 14.98 16.39
CA ALA A 136 3.57 13.83 17.01
C ALA A 136 3.65 13.88 18.53
N ASP A 137 3.59 15.08 19.11
CA ASP A 137 3.65 15.29 20.54
C ASP A 137 2.93 16.58 20.92
N MET A 138 2.99 17.00 22.18
CA MET A 138 2.23 18.16 22.59
C MET A 138 2.70 19.49 22.02
N ALA A 139 4.02 19.66 21.87
CA ALA A 139 4.50 20.87 21.23
C ALA A 139 4.01 21.00 19.79
N ALA A 140 3.96 19.90 19.07
CA ALA A 140 3.46 19.93 17.70
C ALA A 140 1.99 20.20 17.63
N GLN A 141 1.23 19.87 18.68
CA GLN A 141 -0.17 20.30 18.75
C GLN A 141 -0.32 21.82 18.73
N THR A 142 0.55 22.55 19.43
CA THR A 142 0.55 24.01 19.33
C THR A 142 0.72 24.49 17.86
N THR A 143 1.69 23.94 17.16
CA THR A 143 1.85 24.23 15.72
C THR A 143 0.60 23.85 14.93
N LYS A 144 0.02 22.69 15.24
CA LYS A 144 -1.21 22.30 14.54
C LYS A 144 -2.31 23.33 14.69
N HIS A 145 -2.53 23.84 15.92
CA HIS A 145 -3.59 24.81 16.14
C HIS A 145 -3.34 26.06 15.35
N LYS A 146 -2.08 26.49 15.34
CA LYS A 146 -1.72 27.73 14.62
C LYS A 146 -1.85 27.57 13.09
N TRP A 147 -1.49 26.39 12.61
CA TRP A 147 -1.53 26.14 11.16
C TRP A 147 -2.97 25.88 10.69
N GLU A 148 -3.81 25.35 11.59
CA GLU A 148 -5.24 25.25 11.26
C GLU A 148 -5.91 26.63 11.19
N ALA A 149 -5.64 27.49 12.17
CA ALA A 149 -6.22 28.83 12.19
C ALA A 149 -5.74 29.65 11.00
N ALA A 150 -4.54 29.36 10.50
CA ALA A 150 -4.01 30.11 9.35
C ALA A 150 -4.28 29.45 8.00
N HIS A 151 -5.03 28.34 8.02
CA HIS A 151 -5.39 27.62 6.78
C HIS A 151 -4.22 27.22 5.88
N VAL A 152 -3.15 26.75 6.53
CA VAL A 152 -1.91 26.34 5.86
C VAL A 152 -2.13 25.15 4.92
N ALA A 153 -2.97 24.20 5.36
CA ALA A 153 -3.14 22.96 4.58
C ALA A 153 -3.73 23.24 3.20
N GLU A 154 -4.72 24.13 3.11
CA GLU A 154 -5.27 24.51 1.83
C GLU A 154 -4.27 25.08 0.82
N GLN A 155 -3.28 25.82 1.30
CA GLN A 155 -2.23 26.38 0.45
C GLN A 155 -1.28 25.29 -0.02
N LEU A 156 -0.93 24.42 0.93
CA LEU A 156 -0.08 23.28 0.62
C LEU A 156 -0.73 22.34 -0.39
N ARG A 157 -1.99 21.98 -0.15
CA ARG A 157 -2.73 21.11 -1.06
C ARG A 157 -2.80 21.63 -2.49
N ALA A 158 -3.06 22.94 -2.65
CA ALA A 158 -3.09 23.54 -3.97
C ALA A 158 -1.78 23.37 -4.73
N TYR A 159 -0.68 23.51 -4.01
CA TYR A 159 0.66 23.26 -4.55
C TYR A 159 0.92 21.80 -4.88
N LEU A 160 0.72 20.93 -3.89
CA LEU A 160 1.04 19.51 -4.02
C LEU A 160 0.21 18.84 -5.11
N GLU A 161 -1.05 19.24 -5.28
CA GLU A 161 -1.91 18.54 -6.25
C GLU A 161 -1.87 19.14 -7.65
N GLY A 162 -1.25 20.30 -7.77
CA GLY A 162 -1.38 21.13 -8.97
C GLY A 162 0.01 21.53 -9.44
N THR A 163 0.50 22.65 -8.91
CA THR A 163 1.81 23.24 -9.23
C THR A 163 2.97 22.24 -9.19
N CYS A 164 3.01 21.45 -8.13
CA CYS A 164 4.09 20.44 -7.94
C CYS A 164 4.16 19.45 -9.11
N VAL A 165 2.98 18.94 -9.48
CA VAL A 165 2.79 17.96 -10.53
C VAL A 165 3.16 18.59 -11.88
N GLU A 166 2.81 19.86 -12.07
CA GLU A 166 3.09 20.53 -13.34
C GLU A 166 4.60 20.71 -13.59
N TRP A 167 5.32 21.16 -12.56
CA TRP A 167 6.78 21.27 -12.63
C TRP A 167 7.44 19.90 -12.79
N LEU A 168 6.96 18.88 -12.07
CA LEU A 168 7.51 17.54 -12.22
C LEU A 168 7.42 17.05 -13.68
N ARG A 169 6.26 17.26 -14.31
CA ARG A 169 6.06 16.91 -15.73
C ARG A 169 7.03 17.69 -16.61
N ARG A 170 7.16 18.98 -16.33
CA ARG A 170 8.09 19.79 -17.11
C ARG A 170 9.53 19.26 -17.04
N TYR A 171 9.97 18.96 -15.84
CA TYR A 171 11.34 18.44 -15.59
C TYR A 171 11.52 17.08 -16.28
N LEU A 172 10.51 16.22 -16.18
CA LEU A 172 10.56 14.89 -16.82
C LEU A 172 10.68 14.99 -18.32
N GLU A 173 10.04 15.99 -18.92
CA GLU A 173 10.12 16.19 -20.34
C GLU A 173 11.47 16.79 -20.74
N ASN A 174 11.91 17.83 -20.05
CA ASN A 174 13.20 18.49 -20.34
C ASN A 174 14.41 17.64 -20.04
N GLY A 175 14.33 16.82 -18.99
CA GLY A 175 15.39 15.91 -18.69
C GLY A 175 15.16 14.49 -19.10
N LYS A 176 14.45 14.29 -20.22
CA LYS A 176 13.94 12.94 -20.54
C LYS A 176 15.02 11.87 -20.65
N GLU A 177 16.14 12.23 -21.27
CA GLU A 177 17.30 11.36 -21.43
C GLU A 177 17.76 10.77 -20.10
N THR A 178 17.98 11.64 -19.12
CA THR A 178 18.38 11.27 -17.75
C THR A 178 17.22 10.66 -16.95
N LEU A 179 16.08 11.32 -16.97
CA LEU A 179 15.05 11.01 -15.99
C LEU A 179 14.13 9.87 -16.36
N GLN A 180 13.82 9.75 -17.64
CA GLN A 180 12.99 8.68 -18.12
C GLN A 180 13.90 7.63 -18.72
N ARG A 181 14.87 7.15 -17.97
CA ARG A 181 15.61 6.00 -18.41
C ARG A 181 15.49 4.98 -17.33
N THR A 182 15.82 3.76 -17.70
CA THR A 182 15.94 2.79 -16.68
C THR A 182 17.21 2.00 -17.01
N ASP A 183 18.13 1.89 -16.06
CA ASP A 183 19.33 1.10 -16.34
C ASP A 183 19.20 -0.16 -15.49
N ALA A 184 19.10 -1.32 -16.14
CA ALA A 184 18.99 -2.58 -15.42
C ALA A 184 20.34 -2.90 -14.74
N PRO A 185 20.29 -3.54 -13.56
CA PRO A 185 21.52 -3.90 -12.86
C PRO A 185 22.32 -4.94 -13.63
N LYS A 186 23.64 -4.72 -13.60
CA LYS A 186 24.57 -5.76 -14.01
C LYS A 186 24.92 -6.55 -12.75
N THR A 187 24.64 -7.85 -12.80
CA THR A 187 24.67 -8.66 -11.57
C THR A 187 25.72 -9.75 -11.62
N HIS A 188 26.25 -10.12 -10.45
CA HIS A 188 27.15 -11.26 -10.35
C HIS A 188 27.27 -11.62 -8.89
N MET A 189 27.83 -12.78 -8.60
CA MET A 189 28.09 -13.10 -7.22
C MET A 189 29.59 -13.37 -7.04
N THR A 190 30.12 -13.11 -5.84
CA THR A 190 31.51 -13.42 -5.56
C THR A 190 31.58 -14.43 -4.41
N HIS A 191 32.67 -15.18 -4.36
CA HIS A 191 32.85 -16.23 -3.40
C HIS A 191 34.24 -16.06 -2.79
N HIS A 192 34.36 -15.98 -1.46
CA HIS A 192 35.70 -15.94 -0.84
C HIS A 192 35.71 -16.71 0.47
N ALA A 193 36.65 -17.62 0.60
CA ALA A 193 36.77 -18.39 1.82
C ALA A 193 37.10 -17.45 2.98
N VAL A 194 36.46 -17.64 4.14
CA VAL A 194 36.91 -16.94 5.35
C VAL A 194 37.71 -17.85 6.28
N SER A 195 37.65 -19.15 6.01
CA SER A 195 38.45 -20.16 6.72
C SER A 195 38.39 -21.45 5.91
N ASP A 196 38.85 -22.56 6.49
CA ASP A 196 38.80 -23.85 5.78
C ASP A 196 37.39 -24.43 5.76
N HIS A 197 36.44 -23.78 6.41
CA HIS A 197 35.11 -24.37 6.50
C HIS A 197 33.96 -23.42 6.23
N GLU A 198 34.24 -22.15 5.92
CA GLU A 198 33.17 -21.20 5.61
C GLU A 198 33.61 -20.27 4.47
N ALA A 199 32.63 -19.80 3.73
CA ALA A 199 32.83 -18.86 2.63
C ALA A 199 31.81 -17.75 2.70
N THR A 200 32.21 -16.54 2.30
CA THR A 200 31.26 -15.43 2.14
C THR A 200 30.74 -15.45 0.70
N LEU A 201 29.42 -15.44 0.52
CA LEU A 201 28.82 -15.33 -0.81
C LEU A 201 28.27 -13.95 -0.90
N ARG A 202 28.70 -13.14 -1.87
CA ARG A 202 28.14 -11.78 -1.97
C ARG A 202 27.49 -11.57 -3.34
N CYS A 203 26.24 -11.10 -3.32
CA CYS A 203 25.43 -10.91 -4.51
C CYS A 203 25.53 -9.43 -4.83
N TRP A 204 25.95 -9.09 -6.04
CA TRP A 204 26.13 -7.71 -6.46
C TRP A 204 25.16 -7.23 -7.49
N ALA A 205 24.75 -5.95 -7.41
CA ALA A 205 24.04 -5.29 -8.46
C ALA A 205 24.75 -3.97 -8.68
N LEU A 206 25.10 -3.68 -9.93
CA LEU A 206 25.87 -2.49 -10.29
C LEU A 206 25.20 -1.74 -11.43
N SER A 207 25.45 -0.43 -11.48
CA SER A 207 25.16 0.37 -12.66
C SER A 207 23.68 0.48 -12.96
N PHE A 208 22.89 0.51 -11.90
CA PHE A 208 21.43 0.59 -12.08
C PHE A 208 20.81 1.92 -11.76
N TYR A 209 19.65 2.15 -12.36
CA TYR A 209 18.86 3.35 -12.12
C TYR A 209 17.38 3.04 -12.53
N PRO A 210 16.38 3.45 -11.71
CA PRO A 210 16.48 4.20 -10.41
C PRO A 210 17.00 3.36 -9.28
N ALA A 211 17.08 3.94 -8.09
CA ALA A 211 17.80 3.28 -6.99
C ALA A 211 17.02 2.10 -6.35
N GLU A 212 15.70 2.11 -6.50
CA GLU A 212 14.88 1.10 -5.83
C GLU A 212 15.26 -0.26 -6.41
N ILE A 213 15.59 -1.20 -5.52
CA ILE A 213 16.00 -2.56 -5.91
C ILE A 213 15.80 -3.51 -4.71
N THR A 214 15.63 -4.79 -4.97
CA THR A 214 15.53 -5.79 -3.91
C THR A 214 16.52 -6.89 -4.20
N LEU A 215 17.36 -7.24 -3.21
CA LEU A 215 18.33 -8.30 -3.34
C LEU A 215 18.08 -9.22 -2.18
N THR A 216 17.90 -10.52 -2.45
CA THR A 216 17.63 -11.44 -1.34
C THR A 216 18.36 -12.76 -1.59
N TRP A 217 18.69 -13.46 -0.51
CA TRP A 217 19.35 -14.77 -0.58
C TRP A 217 18.32 -15.83 -0.16
N GLN A 218 18.35 -16.98 -0.81
CA GLN A 218 17.55 -18.15 -0.40
C GLN A 218 18.46 -19.31 -0.16
N ARG A 219 18.08 -20.19 0.78
CA ARG A 219 18.75 -21.46 0.95
C ARG A 219 17.70 -22.54 0.74
N ASP A 220 17.89 -23.38 -0.30
CA ASP A 220 16.83 -24.35 -0.71
C ASP A 220 15.46 -23.69 -0.84
N GLY A 221 15.44 -22.50 -1.45
CA GLY A 221 14.21 -21.75 -1.60
C GLY A 221 13.67 -21.00 -0.39
N GLU A 222 14.32 -21.11 0.76
CA GLU A 222 13.86 -20.43 1.97
C GLU A 222 14.62 -19.13 2.21
N ASP A 223 13.91 -18.06 2.51
CA ASP A 223 14.57 -16.77 2.66
C ASP A 223 15.54 -16.76 3.85
N GLN A 224 16.65 -16.07 3.68
CA GLN A 224 17.73 -16.06 4.69
C GLN A 224 17.90 -14.66 5.31
N THR A 225 16.77 -13.99 5.55
CA THR A 225 16.74 -12.59 5.99
C THR A 225 17.63 -12.28 7.18
N GLN A 226 17.50 -13.09 8.23
CA GLN A 226 18.21 -12.85 9.49
C GLN A 226 19.71 -13.13 9.36
N ASP A 227 20.10 -13.84 8.32
CA ASP A 227 21.50 -14.17 8.13
C ASP A 227 22.14 -13.38 7.03
N THR A 228 21.39 -12.42 6.46
CA THR A 228 21.91 -11.65 5.34
C THR A 228 22.41 -10.28 5.79
N GLU A 229 23.59 -9.87 5.29
CA GLU A 229 24.07 -8.52 5.50
C GLU A 229 23.75 -7.76 4.25
N LEU A 230 22.85 -6.79 4.37
CA LEU A 230 22.40 -6.00 3.24
C LEU A 230 22.88 -4.57 3.39
N VAL A 231 23.70 -4.07 2.46
CA VAL A 231 24.19 -2.68 2.67
C VAL A 231 23.25 -1.68 2.05
N GLU A 232 23.36 -0.42 2.47
CA GLU A 232 22.53 0.62 1.93
C GLU A 232 22.89 0.84 0.45
N THR A 233 21.87 0.97 -0.39
CA THR A 233 22.07 1.35 -1.80
C THR A 233 22.90 2.66 -1.85
N ARG A 234 23.95 2.64 -2.69
CA ARG A 234 24.96 3.70 -2.69
C ARG A 234 25.19 4.24 -4.10
N PRO A 235 25.48 5.54 -4.20
CA PRO A 235 25.68 6.10 -5.54
C PRO A 235 27.05 5.78 -6.09
N ALA A 236 27.11 5.46 -7.40
CA ALA A 236 28.41 5.25 -8.05
C ALA A 236 29.08 6.60 -8.33
N GLY A 237 28.29 7.66 -8.44
CA GLY A 237 28.74 9.04 -8.68
C GLY A 237 28.55 9.44 -10.12
N ASP A 238 28.11 8.50 -10.95
CA ASP A 238 27.85 8.75 -12.38
C ASP A 238 26.35 8.77 -12.71
N GLY A 239 25.53 8.80 -11.68
CA GLY A 239 24.09 8.78 -11.90
C GLY A 239 23.51 7.40 -11.77
N THR A 240 24.33 6.39 -11.46
CA THR A 240 23.79 5.04 -11.21
C THR A 240 24.09 4.62 -9.77
N PHE A 241 23.49 3.48 -9.40
CA PHE A 241 23.58 2.96 -8.00
C PHE A 241 24.17 1.58 -7.93
N GLN A 242 24.60 1.21 -6.73
CA GLN A 242 25.12 -0.13 -6.50
C GLN A 242 24.54 -0.65 -5.17
N LYS A 243 24.58 -1.96 -5.00
CA LYS A 243 24.09 -2.56 -3.73
C LYS A 243 24.65 -3.98 -3.69
N TRP A 244 24.91 -4.48 -2.47
CA TRP A 244 25.22 -5.89 -2.33
C TRP A 244 24.58 -6.51 -1.12
N ALA A 245 24.48 -7.85 -1.12
CA ALA A 245 23.98 -8.59 0.04
C ALA A 245 24.86 -9.79 0.21
N ALA A 246 25.22 -10.11 1.44
CA ALA A 246 26.08 -11.25 1.68
C ALA A 246 25.58 -12.20 2.73
N VAL A 247 25.97 -13.46 2.55
CA VAL A 247 25.77 -14.47 3.61
C VAL A 247 27.10 -15.23 3.82
N VAL A 248 27.33 -15.74 5.02
CA VAL A 248 28.50 -16.58 5.29
C VAL A 248 28.00 -18.00 5.45
N VAL A 249 28.53 -18.90 4.61
CA VAL A 249 27.96 -20.26 4.52
C VAL A 249 28.99 -21.35 4.78
N PRO A 250 28.55 -22.54 5.21
CA PRO A 250 29.51 -23.65 5.27
C PRO A 250 30.02 -24.07 3.89
N SER A 251 31.34 -24.17 3.75
CA SER A 251 31.94 -24.61 2.47
C SER A 251 31.37 -25.96 2.05
N GLY A 252 30.90 -26.05 0.81
CA GLY A 252 30.31 -27.28 0.30
C GLY A 252 28.81 -27.10 0.07
N GLN A 253 28.22 -26.09 0.73
CA GLN A 253 26.80 -25.86 0.63
C GLN A 253 26.43 -24.81 -0.38
N GLU A 254 27.41 -24.30 -1.16
CA GLU A 254 27.14 -23.14 -2.05
C GLU A 254 25.95 -23.35 -2.99
N GLN A 255 25.81 -24.58 -3.49
CA GLN A 255 24.80 -24.89 -4.50
C GLN A 255 23.39 -24.81 -3.90
N ARG A 256 23.26 -24.78 -2.55
CA ARG A 256 21.93 -24.59 -1.96
C ARG A 256 21.47 -23.12 -2.01
N TYR A 257 22.41 -22.22 -2.20
CA TYR A 257 22.16 -20.78 -2.08
C TYR A 257 21.98 -20.10 -3.40
N THR A 258 20.92 -19.30 -3.47
CA THR A 258 20.63 -18.50 -4.67
C THR A 258 20.38 -17.04 -4.31
N CYS A 259 20.79 -16.13 -5.18
CA CYS A 259 20.56 -14.67 -4.99
C CYS A 259 19.45 -14.26 -5.95
N HIS A 260 18.54 -13.39 -5.52
CA HIS A 260 17.36 -13.00 -6.30
C HIS A 260 17.34 -11.49 -6.42
N VAL A 261 17.24 -10.99 -7.65
CA VAL A 261 17.37 -9.57 -7.91
C VAL A 261 16.08 -9.06 -8.59
N GLN A 262 15.50 -8.02 -8.01
CA GLN A 262 14.28 -7.42 -8.63
C GLN A 262 14.57 -5.96 -8.89
N HIS A 263 14.29 -5.51 -10.12
CA HIS A 263 14.48 -4.12 -10.50
C HIS A 263 13.56 -3.83 -11.68
N GLU A 264 13.02 -2.62 -11.75
CA GLU A 264 12.11 -2.26 -12.84
C GLU A 264 12.70 -2.32 -14.26
N GLY A 265 14.01 -2.26 -14.34
CA GLY A 265 14.72 -2.45 -15.59
C GLY A 265 14.90 -3.85 -16.10
N LEU A 266 14.64 -4.82 -15.24
CA LEU A 266 14.74 -6.21 -15.61
C LEU A 266 13.41 -6.64 -16.15
N PRO A 267 13.40 -7.29 -17.33
CA PRO A 267 12.15 -7.80 -17.91
C PRO A 267 11.57 -8.92 -17.06
N LYS A 268 12.44 -9.63 -16.34
CA LYS A 268 12.04 -10.67 -15.36
C LYS A 268 13.03 -10.61 -14.21
N PRO A 269 12.55 -10.87 -12.96
CA PRO A 269 13.52 -11.02 -11.86
C PRO A 269 14.57 -12.11 -12.12
N LEU A 270 15.79 -11.84 -11.69
CA LEU A 270 16.93 -12.75 -11.94
C LEU A 270 17.17 -13.66 -10.75
N THR A 271 17.52 -14.92 -11.03
CA THR A 271 18.00 -15.79 -9.99
C THR A 271 19.43 -16.14 -10.39
N LEU A 272 20.39 -15.88 -9.49
CA LEU A 272 21.77 -16.23 -9.74
C LEU A 272 22.13 -17.43 -8.90
N ARG A 273 22.88 -18.36 -9.48
CA ARG A 273 23.15 -19.65 -8.85
C ARG A 273 24.62 -19.98 -8.84
N TRP A 274 24.98 -20.98 -8.04
CA TRP A 274 26.37 -21.43 -7.94
C TRP A 274 26.58 -22.74 -8.71
N GLU A 275 25.64 -23.03 -9.61
CA GLU A 275 25.69 -24.29 -10.39
C GLU A 275 24.98 -24.01 -11.70
N MET B 1 18.67 13.16 23.28
CA MET B 1 18.45 13.47 21.87
C MET B 1 18.83 12.29 21.02
N ILE B 2 18.07 12.08 19.96
CA ILE B 2 18.35 11.06 18.98
C ILE B 2 19.76 11.20 18.43
N GLN B 3 20.48 10.08 18.40
CA GLN B 3 21.71 10.01 17.62
C GLN B 3 21.72 8.69 16.86
N ARG B 4 22.15 8.74 15.60
CA ARG B 4 22.27 7.54 14.79
C ARG B 4 23.65 7.47 14.13
N THR B 5 24.21 6.27 14.11
CA THR B 5 25.61 6.08 13.70
C THR B 5 25.73 6.06 12.19
N PRO B 6 26.76 6.71 11.61
CA PRO B 6 26.92 6.52 10.15
C PRO B 6 27.31 5.10 9.75
N LYS B 7 26.69 4.66 8.67
CA LYS B 7 27.09 3.43 7.99
C LYS B 7 28.05 3.86 6.89
N ILE B 8 29.29 3.38 6.94
CA ILE B 8 30.33 3.84 6.03
C ILE B 8 30.70 2.80 5.00
N GLN B 9 30.72 3.18 3.74
CA GLN B 9 31.14 2.28 2.68
C GLN B 9 32.20 2.96 1.81
N VAL B 10 33.32 2.28 1.57
CA VAL B 10 34.40 2.80 0.72
C VAL B 10 34.57 1.92 -0.52
N TYR B 11 34.54 2.50 -1.72
CA TYR B 11 34.49 1.70 -2.92
C TYR B 11 34.82 2.53 -4.12
N SER B 12 35.07 1.86 -5.23
CA SER B 12 35.35 2.59 -6.46
C SER B 12 34.15 2.66 -7.31
N ARG B 13 34.08 3.72 -8.12
CA ARG B 13 32.96 3.82 -9.06
C ARG B 13 32.83 2.66 -10.06
N HIS B 14 33.95 2.25 -10.67
CA HIS B 14 34.01 1.17 -11.69
C HIS B 14 34.90 0.08 -11.11
N PRO B 15 34.77 -1.18 -11.58
CA PRO B 15 35.71 -2.23 -11.14
C PRO B 15 37.15 -1.76 -11.29
N ALA B 16 37.95 -1.90 -10.23
CA ALA B 16 39.30 -1.37 -10.22
C ALA B 16 40.28 -2.13 -11.11
N GLU B 17 41.08 -1.42 -11.89
CA GLU B 17 42.11 -2.02 -12.70
C GLU B 17 43.33 -1.14 -12.54
N ASN B 18 44.47 -1.71 -12.13
CA ASN B 18 45.66 -0.89 -11.85
C ASN B 18 46.09 -0.04 -13.05
N GLY B 19 46.30 1.25 -12.83
CA GLY B 19 46.85 2.09 -13.91
C GLY B 19 45.75 2.72 -14.74
N LYS B 20 44.52 2.48 -14.33
CA LYS B 20 43.35 2.99 -15.03
C LYS B 20 42.56 3.93 -14.14
N SER B 21 42.36 5.14 -14.62
CA SER B 21 41.69 6.17 -13.82
C SER B 21 40.27 5.75 -13.42
N ASN B 22 39.85 6.21 -12.25
CA ASN B 22 38.61 5.72 -11.64
C ASN B 22 38.20 6.80 -10.65
N PHE B 23 37.14 6.56 -9.86
CA PHE B 23 36.82 7.41 -8.71
C PHE B 23 36.71 6.60 -7.44
N LEU B 24 37.26 7.12 -6.33
CA LEU B 24 37.16 6.50 -5.01
C LEU B 24 36.05 7.22 -4.28
N ASN B 25 35.07 6.47 -3.77
CA ASN B 25 33.88 6.96 -3.06
C ASN B 25 33.96 6.57 -1.60
N CYS B 26 33.62 7.48 -0.69
CA CYS B 26 33.24 7.11 0.71
C CYS B 26 31.81 7.61 0.92
N TYR B 27 30.85 6.68 1.04
CA TYR B 27 29.46 7.02 1.25
C TYR B 27 29.12 6.81 2.70
N VAL B 28 28.58 7.83 3.35
CA VAL B 28 28.15 7.71 4.76
C VAL B 28 26.65 7.94 4.78
N SER B 29 25.93 7.03 5.39
CA SER B 29 24.49 7.21 5.40
C SER B 29 23.91 6.81 6.77
N GLY B 30 22.64 7.17 6.98
CA GLY B 30 21.96 6.70 8.19
C GLY B 30 22.31 7.45 9.47
N PHE B 31 22.98 8.61 9.34
CA PHE B 31 23.45 9.29 10.56
C PHE B 31 22.58 10.44 11.02
N HIS B 32 22.71 10.75 12.31
CA HIS B 32 22.07 11.94 12.87
C HIS B 32 22.79 12.24 14.19
N PRO B 33 23.11 13.53 14.49
CA PRO B 33 22.89 14.76 13.72
C PRO B 33 23.81 14.86 12.50
N SER B 34 23.75 15.99 11.78
CA SER B 34 24.46 16.06 10.50
C SER B 34 25.93 16.42 10.58
N ASP B 35 26.39 16.92 11.71
CA ASP B 35 27.81 17.29 11.83
C ASP B 35 28.65 16.00 11.71
N ILE B 36 29.51 15.90 10.70
CA ILE B 36 30.30 14.68 10.50
C ILE B 36 31.65 15.08 9.86
N GLU B 37 32.74 14.40 10.23
CA GLU B 37 34.01 14.66 9.56
C GLU B 37 34.31 13.45 8.72
N VAL B 38 34.62 13.62 7.43
CA VAL B 38 34.92 12.48 6.59
C VAL B 38 36.13 12.82 5.75
N ASP B 39 37.18 11.98 5.80
CA ASP B 39 38.37 12.17 4.99
C ASP B 39 38.73 10.92 4.21
N LEU B 40 39.21 11.06 2.98
CA LEU B 40 39.70 9.89 2.24
C LEU B 40 41.18 9.85 2.49
N LEU B 41 41.75 8.65 2.70
CA LEU B 41 43.19 8.56 3.03
C LEU B 41 43.91 7.78 1.96
N LYS B 42 45.11 8.24 1.60
CA LYS B 42 46.00 7.48 0.73
C LYS B 42 47.24 7.16 1.53
N ASN B 43 47.47 5.86 1.75
CA ASN B 43 48.61 5.35 2.51
C ASN B 43 48.69 6.02 3.88
N GLY B 44 47.49 6.18 4.45
CA GLY B 44 47.29 6.82 5.74
C GLY B 44 47.28 8.34 5.78
N GLU B 45 47.51 8.99 4.66
CA GLU B 45 47.53 10.46 4.63
C GLU B 45 46.27 11.02 4.01
N ARG B 46 45.82 12.16 4.53
CA ARG B 46 44.59 12.78 4.05
C ARG B 46 44.75 13.26 2.59
N ILE B 47 43.81 12.88 1.73
CA ILE B 47 43.79 13.34 0.34
C ILE B 47 43.17 14.75 0.29
N GLU B 48 43.82 15.70 -0.37
CA GLU B 48 43.31 17.08 -0.42
C GLU B 48 42.28 17.34 -1.53
N LYS B 49 42.33 16.54 -2.58
CA LYS B 49 41.53 16.76 -3.76
C LYS B 49 40.12 16.15 -3.58
N VAL B 50 39.36 16.50 -2.52
CA VAL B 50 38.12 15.72 -2.24
C VAL B 50 36.79 16.50 -2.34
N GLU B 51 35.84 16.01 -3.12
CA GLU B 51 34.56 16.71 -3.20
C GLU B 51 33.48 15.98 -2.46
N HIS B 52 32.37 16.65 -2.17
CA HIS B 52 31.26 15.93 -1.55
C HIS B 52 29.94 16.43 -2.07
N SER B 53 28.92 15.59 -1.91
CA SER B 53 27.57 15.92 -2.33
C SER B 53 26.95 16.89 -1.33
N ASP B 54 25.82 17.47 -1.73
CA ASP B 54 25.04 18.34 -0.85
C ASP B 54 24.24 17.50 0.13
N LEU B 55 24.16 17.99 1.36
CA LEU B 55 23.53 17.28 2.47
C LEU B 55 22.05 17.02 2.15
N SER B 56 21.66 15.75 2.28
CA SER B 56 20.27 15.37 2.03
C SER B 56 19.96 14.30 3.03
N PHE B 57 18.72 13.85 3.05
CA PHE B 57 18.32 12.86 4.03
C PHE B 57 17.25 11.89 3.51
N SER B 58 17.13 10.77 4.20
CA SER B 58 16.21 9.73 3.76
C SER B 58 14.86 9.87 4.38
N LYS B 59 13.95 8.96 4.03
CA LYS B 59 12.59 8.99 4.57
C LYS B 59 12.44 8.92 6.09
N ASP B 60 13.42 8.31 6.76
CA ASP B 60 13.47 8.24 8.23
C ASP B 60 14.24 9.39 8.89
N TRP B 61 14.56 10.43 8.10
CA TRP B 61 15.24 11.67 8.54
C TRP B 61 16.73 11.54 8.68
N SER B 62 17.25 10.34 8.51
CA SER B 62 18.70 10.20 8.64
C SER B 62 19.45 10.75 7.43
N PHE B 63 20.63 11.28 7.68
CA PHE B 63 21.33 12.00 6.62
C PHE B 63 22.21 11.09 5.80
N TYR B 64 22.53 11.56 4.59
CA TYR B 64 23.56 10.88 3.79
C TYR B 64 24.43 11.87 3.01
N LEU B 65 25.70 11.48 2.81
CA LEU B 65 26.65 12.25 2.02
C LEU B 65 27.60 11.29 1.28
N LEU B 66 28.04 11.72 0.10
CA LEU B 66 29.04 10.98 -0.68
C LEU B 66 30.29 11.87 -0.76
N TYR B 67 31.44 11.35 -0.38
CA TYR B 67 32.74 12.03 -0.58
C TYR B 67 33.49 11.29 -1.65
N TYR B 68 34.19 11.99 -2.55
CA TYR B 68 34.75 11.33 -3.74
C TYR B 68 35.93 12.07 -4.34
N THR B 69 36.83 11.33 -5.00
CA THR B 69 37.98 11.93 -5.64
C THR B 69 38.35 11.03 -6.80
N GLU B 70 38.93 11.62 -7.84
CA GLU B 70 39.43 10.84 -8.94
C GLU B 70 40.71 10.18 -8.43
N PHE B 71 40.95 8.94 -8.85
CA PHE B 71 42.19 8.26 -8.46
C PHE B 71 42.61 7.21 -9.48
N THR B 72 43.87 6.78 -9.46
CA THR B 72 44.31 5.69 -10.32
C THR B 72 44.93 4.63 -9.41
N PRO B 73 44.20 3.50 -9.18
CA PRO B 73 44.67 2.39 -8.34
C PRO B 73 45.97 1.78 -8.80
N THR B 74 46.77 1.34 -7.83
CA THR B 74 48.00 0.62 -8.12
C THR B 74 47.99 -0.57 -7.18
N GLU B 75 48.98 -1.42 -7.32
CA GLU B 75 49.14 -2.58 -6.49
C GLU B 75 49.42 -2.19 -5.06
N LYS B 76 50.34 -1.25 -4.88
CA LYS B 76 50.84 -0.91 -3.55
C LYS B 76 50.02 0.10 -2.73
N ASP B 77 49.28 0.99 -3.40
CA ASP B 77 48.63 2.11 -2.69
C ASP B 77 47.41 1.64 -1.97
N GLU B 78 47.31 2.02 -0.70
CA GLU B 78 46.22 1.63 0.16
C GLU B 78 45.30 2.82 0.40
N TYR B 79 44.00 2.61 0.25
CA TYR B 79 43.05 3.68 0.42
C TYR B 79 42.06 3.39 1.53
N ALA B 80 41.52 4.45 2.13
CA ALA B 80 40.62 4.28 3.30
C ALA B 80 39.78 5.51 3.44
N CYS B 81 38.75 5.40 4.26
CA CYS B 81 37.94 6.55 4.64
C CYS B 81 37.87 6.62 6.16
N ARG B 82 38.16 7.81 6.70
CA ARG B 82 38.20 8.07 8.16
C ARG B 82 37.01 8.93 8.51
N VAL B 83 36.21 8.50 9.47
CA VAL B 83 34.97 9.20 9.77
C VAL B 83 34.86 9.49 11.28
N ASN B 84 34.47 10.70 11.64
CA ASN B 84 34.19 11.01 13.07
C ASN B 84 32.81 11.63 13.16
N HIS B 85 32.11 11.33 14.28
CA HIS B 85 30.69 11.68 14.44
C HIS B 85 30.46 11.51 15.92
N VAL B 86 29.48 12.22 16.48
CA VAL B 86 29.24 12.14 17.92
C VAL B 86 28.98 10.70 18.42
N THR B 87 28.48 9.81 17.54
CA THR B 87 28.18 8.43 17.95
C THR B 87 29.40 7.53 18.01
N LEU B 88 30.53 8.02 17.54
CA LEU B 88 31.79 7.23 17.48
C LEU B 88 32.74 7.67 18.55
N SER B 89 33.21 6.77 19.41
CA SER B 89 34.07 7.21 20.51
C SER B 89 35.47 7.62 20.08
N GLN B 90 35.88 7.13 18.91
CA GLN B 90 37.12 7.57 18.26
C GLN B 90 36.84 7.54 16.77
N PRO B 91 37.63 8.29 15.95
CA PRO B 91 37.43 8.13 14.50
C PRO B 91 37.52 6.67 14.00
N LYS B 92 36.69 6.36 13.03
CA LYS B 92 36.58 5.03 12.51
C LYS B 92 37.21 5.05 11.13
N ILE B 93 38.05 4.05 10.86
CA ILE B 93 38.71 3.94 9.56
C ILE B 93 38.23 2.66 8.87
N VAL B 94 37.70 2.81 7.67
CA VAL B 94 37.29 1.67 6.86
C VAL B 94 38.20 1.60 5.64
N LYS B 95 38.91 0.50 5.47
CA LYS B 95 39.82 0.36 4.34
C LYS B 95 39.09 -0.07 3.07
N TRP B 96 39.55 0.46 1.94
CA TRP B 96 39.11 0.01 0.65
C TRP B 96 39.59 -1.42 0.36
N ASP B 97 38.65 -2.32 0.07
CA ASP B 97 38.97 -3.71 -0.24
C ASP B 97 38.44 -3.93 -1.64
N ARG B 98 39.31 -4.06 -2.63
CA ARG B 98 38.85 -4.15 -4.02
C ARG B 98 38.35 -5.56 -4.40
N ASP B 99 38.43 -6.53 -3.48
CA ASP B 99 38.14 -7.95 -3.85
C ASP B 99 36.83 -8.45 -3.25
N MET B 100 35.95 -7.51 -2.92
CA MET B 100 34.61 -7.88 -2.41
C MET B 100 33.66 -8.33 -3.52
N ALA C 1 9.71 23.13 -9.08
CA ALA C 1 9.87 24.44 -8.40
C ALA C 1 9.30 24.41 -6.97
N LEU C 2 9.87 25.27 -6.11
CA LEU C 2 9.46 25.36 -4.69
C LEU C 2 8.06 25.86 -4.47
N GLY C 3 7.55 25.54 -3.28
CA GLY C 3 6.26 26.02 -2.82
C GLY C 3 6.34 27.37 -2.11
N ILE C 4 5.18 27.94 -1.87
N ILE C 4 5.17 27.90 -1.74
CA ILE C 4 5.06 29.10 -1.03
CA ILE C 4 5.10 29.20 -0.99
C ILE C 4 3.94 28.67 -0.06
C ILE C 4 4.15 29.40 0.18
N GLY C 5 3.74 29.37 1.05
N GLY C 5 3.62 28.35 0.79
CA GLY C 5 2.78 28.92 2.06
CA GLY C 5 2.76 28.59 1.95
C GLY C 5 3.45 28.26 3.25
N ILE C 6 4.78 28.34 3.26
CA ILE C 6 5.62 27.76 4.30
C ILE C 6 5.65 28.73 5.47
N LEU C 7 4.95 28.35 6.53
CA LEU C 7 4.85 29.24 7.69
C LEU C 7 5.71 28.75 8.80
N THR C 8 5.98 29.67 9.72
CA THR C 8 6.73 29.32 10.91
C THR C 8 5.92 28.38 11.81
N VAL C 9 6.62 27.47 12.50
CA VAL C 9 5.96 26.57 13.46
C VAL C 9 5.44 27.26 14.74
N GLY D 1 -3.54 4.49 4.82
CA GLY D 1 -4.77 4.36 3.98
C GLY D 1 -4.59 3.31 2.90
N SER D 2 -4.65 2.05 3.29
CA SER D 2 -4.52 0.91 2.35
C SER D 2 -5.75 0.65 1.46
N HIS D 3 -5.54 0.03 0.31
CA HIS D 3 -6.62 -0.22 -0.66
C HIS D 3 -6.43 -1.56 -1.32
N SER D 4 -7.51 -2.16 -1.86
CA SER D 4 -7.44 -3.46 -2.47
C SER D 4 -8.20 -3.52 -3.81
N MET D 5 -7.73 -4.36 -4.71
CA MET D 5 -8.51 -4.70 -5.92
C MET D 5 -8.71 -6.21 -5.90
N ARG D 6 -9.93 -6.69 -6.10
CA ARG D 6 -10.15 -8.10 -6.09
C ARG D 6 -11.09 -8.50 -7.21
N TYR D 7 -10.78 -9.62 -7.86
CA TYR D 7 -11.70 -10.25 -8.78
C TYR D 7 -12.16 -11.59 -8.22
N PHE D 8 -13.45 -11.89 -8.37
CA PHE D 8 -14.10 -13.07 -7.87
C PHE D 8 -14.76 -13.78 -9.05
N PHE D 9 -14.55 -15.10 -9.19
CA PHE D 9 -15.09 -15.86 -10.33
C PHE D 9 -15.80 -17.07 -9.76
N THR D 10 -16.99 -17.38 -10.26
CA THR D 10 -17.73 -18.54 -9.79
C THR D 10 -18.16 -19.30 -11.05
N SER D 11 -17.87 -20.61 -11.14
CA SER D 11 -18.44 -21.41 -12.25
C SER D 11 -19.13 -22.63 -11.67
N VAL D 12 -20.31 -22.93 -12.17
CA VAL D 12 -21.17 -23.97 -11.61
C VAL D 12 -21.59 -24.87 -12.76
N SER D 13 -21.32 -26.15 -12.66
CA SER D 13 -21.76 -27.05 -13.70
C SER D 13 -23.24 -27.33 -13.56
N ARG D 14 -23.91 -27.53 -14.69
CA ARG D 14 -25.33 -27.87 -14.66
C ARG D 14 -25.63 -28.92 -15.73
N PRO D 15 -25.34 -30.17 -15.41
CA PRO D 15 -25.36 -31.30 -16.32
C PRO D 15 -26.72 -31.43 -16.95
N GLY D 16 -26.74 -31.28 -18.27
CA GLY D 16 -27.98 -31.36 -19.07
C GLY D 16 -28.79 -30.07 -19.19
N ARG D 17 -28.32 -29.01 -18.58
CA ARG D 17 -29.08 -27.77 -18.49
C ARG D 17 -28.21 -26.62 -18.99
N GLY D 18 -27.19 -26.97 -19.77
CA GLY D 18 -26.39 -26.01 -20.51
C GLY D 18 -24.91 -26.11 -20.18
N GLU D 19 -24.13 -25.27 -20.83
CA GLU D 19 -22.75 -25.00 -20.42
C GLU D 19 -22.76 -24.48 -18.99
N PRO D 20 -21.63 -24.62 -18.27
CA PRO D 20 -21.61 -24.05 -16.92
C PRO D 20 -21.89 -22.56 -16.83
N ARG D 21 -22.50 -22.17 -15.71
CA ARG D 21 -22.73 -20.77 -15.41
C ARG D 21 -21.38 -20.19 -15.02
N PHE D 22 -21.05 -19.01 -15.52
CA PHE D 22 -19.81 -18.38 -15.12
C PHE D 22 -20.14 -16.93 -14.77
N ILE D 23 -19.75 -16.46 -13.57
CA ILE D 23 -20.02 -15.06 -13.20
C ILE D 23 -18.73 -14.51 -12.65
N ALA D 24 -18.31 -13.30 -13.09
CA ALA D 24 -17.07 -12.69 -12.62
C ALA D 24 -17.43 -11.32 -12.13
N VAL D 25 -16.84 -10.87 -11.02
CA VAL D 25 -17.07 -9.51 -10.58
C VAL D 25 -15.74 -8.96 -10.09
N GLY D 26 -15.57 -7.65 -10.19
CA GLY D 26 -14.36 -6.97 -9.73
C GLY D 26 -14.74 -5.86 -8.76
N TYR D 27 -13.94 -5.73 -7.69
CA TYR D 27 -14.17 -4.73 -6.66
C TYR D 27 -12.90 -3.94 -6.46
N VAL D 28 -13.03 -2.65 -6.16
CA VAL D 28 -11.96 -1.91 -5.49
C VAL D 28 -12.49 -1.65 -4.07
N ASP D 29 -11.73 -2.08 -3.07
CA ASP D 29 -12.20 -2.03 -1.66
C ASP D 29 -13.60 -2.69 -1.63
N ASP D 30 -14.59 -2.00 -1.08
CA ASP D 30 -15.95 -2.56 -0.99
C ASP D 30 -16.88 -2.04 -2.04
N THR D 31 -16.33 -1.59 -3.17
CA THR D 31 -17.12 -1.02 -4.21
C THR D 31 -16.93 -1.81 -5.48
N GLN D 32 -18.02 -2.38 -6.02
CA GLN D 32 -17.95 -3.16 -7.26
C GLN D 32 -17.78 -2.25 -8.46
N PHE D 33 -17.03 -2.68 -9.45
CA PHE D 33 -16.91 -1.84 -10.65
C PHE D 33 -17.17 -2.56 -12.00
N VAL D 34 -17.10 -3.90 -12.04
CA VAL D 34 -17.34 -4.62 -13.30
C VAL D 34 -18.05 -5.93 -13.04
N ARG D 35 -18.72 -6.43 -14.07
CA ARG D 35 -19.27 -7.78 -14.01
C ARG D 35 -19.26 -8.42 -15.39
N PHE D 36 -19.29 -9.75 -15.39
CA PHE D 36 -19.59 -10.58 -16.54
C PHE D 36 -20.47 -11.72 -16.07
N ASP D 37 -21.52 -12.01 -16.85
CA ASP D 37 -22.42 -13.12 -16.60
C ASP D 37 -22.56 -13.85 -17.91
N SER D 38 -22.20 -15.13 -17.88
CA SER D 38 -22.33 -16.03 -19.03
C SER D 38 -23.75 -16.20 -19.56
N ASP D 39 -24.76 -16.03 -18.72
CA ASP D 39 -26.12 -16.24 -19.19
C ASP D 39 -26.77 -14.98 -19.75
N ALA D 40 -26.10 -13.84 -19.59
CA ALA D 40 -26.69 -12.57 -20.03
C ALA D 40 -26.52 -12.36 -21.53
N ALA D 41 -27.24 -11.36 -22.05
CA ALA D 41 -27.38 -11.12 -23.47
C ALA D 41 -26.10 -10.61 -24.13
N SER D 42 -25.40 -9.73 -23.41
CA SER D 42 -24.38 -8.92 -24.02
C SER D 42 -23.11 -9.67 -24.35
N GLN D 43 -22.78 -10.69 -23.55
CA GLN D 43 -21.50 -11.39 -23.65
C GLN D 43 -20.31 -10.43 -23.58
N ARG D 44 -20.44 -9.36 -22.80
CA ARG D 44 -19.40 -8.36 -22.64
C ARG D 44 -19.13 -8.19 -21.14
N MET D 45 -17.89 -7.83 -20.80
CA MET D 45 -17.66 -7.28 -19.46
C MET D 45 -18.38 -5.95 -19.42
N GLU D 46 -19.13 -5.70 -18.34
CA GLU D 46 -19.98 -4.50 -18.23
C GLU D 46 -19.56 -3.63 -17.04
N PRO D 47 -19.70 -2.30 -17.17
CA PRO D 47 -19.44 -1.37 -16.06
C PRO D 47 -20.45 -1.49 -14.94
N ARG D 48 -20.01 -1.41 -13.69
CA ARG D 48 -20.94 -1.41 -12.57
C ARG D 48 -20.60 -0.30 -11.57
N ALA D 49 -19.82 0.68 -12.04
CA ALA D 49 -19.52 1.88 -11.25
C ALA D 49 -19.48 2.99 -12.23
N PRO D 50 -19.91 4.21 -11.83
CA PRO D 50 -19.89 5.29 -12.80
C PRO D 50 -18.47 5.70 -13.23
N TRP D 51 -17.49 5.51 -12.36
CA TRP D 51 -16.13 5.96 -12.67
C TRP D 51 -15.34 5.04 -13.63
N ILE D 52 -15.86 3.85 -13.87
CA ILE D 52 -15.19 2.95 -14.82
C ILE D 52 -15.74 3.19 -16.23
N GLU D 53 -16.87 3.90 -16.32
CA GLU D 53 -17.55 4.09 -17.61
C GLU D 53 -16.70 4.83 -18.64
N GLN D 54 -15.76 5.65 -18.15
CA GLN D 54 -14.88 6.42 -19.01
C GLN D 54 -13.83 5.61 -19.75
N GLU D 55 -13.60 4.37 -19.33
CA GLU D 55 -12.58 3.56 -20.01
C GLU D 55 -12.96 3.34 -21.46
N GLY D 56 -11.97 3.33 -22.33
CA GLY D 56 -12.23 3.34 -23.76
C GLY D 56 -12.49 1.96 -24.34
N PRO D 57 -12.74 1.90 -25.65
CA PRO D 57 -13.10 0.66 -26.33
C PRO D 57 -12.08 -0.48 -26.19
N GLU D 58 -10.79 -0.14 -26.20
CA GLU D 58 -9.71 -1.11 -26.03
C GLU D 58 -9.80 -1.81 -24.67
N TYR D 59 -10.19 -1.05 -23.64
CA TYR D 59 -10.37 -1.60 -22.31
C TYR D 59 -11.50 -2.58 -22.33
N TRP D 60 -12.67 -2.18 -22.81
CA TRP D 60 -13.85 -3.10 -22.78
C TRP D 60 -13.65 -4.34 -23.65
N ASP D 61 -12.99 -4.16 -24.81
CA ASP D 61 -12.68 -5.29 -25.68
C ASP D 61 -11.67 -6.22 -25.01
N GLY D 62 -10.64 -5.66 -24.39
CA GLY D 62 -9.59 -6.45 -23.78
C GLY D 62 -10.12 -7.19 -22.56
N GLU D 63 -10.92 -6.50 -21.75
CA GLU D 63 -11.49 -7.15 -20.54
C GLU D 63 -12.50 -8.24 -20.91
N THR D 64 -13.24 -8.05 -21.99
CA THR D 64 -14.15 -9.07 -22.51
C THR D 64 -13.41 -10.34 -22.98
N ARG D 65 -12.36 -10.16 -23.81
CA ARG D 65 -11.52 -11.29 -24.23
C ARG D 65 -10.91 -12.03 -23.05
N LYS D 66 -10.35 -11.28 -22.09
CA LYS D 66 -9.70 -11.93 -20.94
C LYS D 66 -10.75 -12.66 -20.11
N VAL D 67 -11.90 -12.02 -19.87
CA VAL D 67 -12.90 -12.71 -18.98
C VAL D 67 -13.46 -13.99 -19.64
N LYS D 68 -13.58 -14.00 -20.97
CA LYS D 68 -14.04 -15.19 -21.71
C LYS D 68 -12.98 -16.28 -21.64
N ALA D 69 -11.71 -15.87 -21.62
CA ALA D 69 -10.61 -16.83 -21.46
C ALA D 69 -10.64 -17.48 -20.10
N HIS D 70 -10.90 -16.69 -19.07
CA HIS D 70 -11.10 -17.25 -17.71
C HIS D 70 -12.28 -18.23 -17.68
N SER D 71 -13.35 -17.85 -18.33
CA SER D 71 -14.54 -18.71 -18.42
C SER D 71 -14.22 -20.08 -19.04
N GLN D 72 -13.54 -20.04 -20.16
CA GLN D 72 -13.15 -21.28 -20.85
C GLN D 72 -12.22 -22.16 -19.98
N THR D 73 -11.29 -21.53 -19.26
CA THR D 73 -10.40 -22.28 -18.37
C THR D 73 -11.16 -22.97 -17.24
N HIS D 74 -12.11 -22.26 -16.65
CA HIS D 74 -13.00 -22.87 -15.64
C HIS D 74 -13.88 -23.97 -16.17
N ARG D 75 -14.27 -23.82 -17.43
CA ARG D 75 -15.04 -24.86 -18.09
C ARG D 75 -14.27 -26.15 -18.18
N VAL D 76 -13.01 -26.03 -18.55
CA VAL D 76 -12.13 -27.18 -18.58
C VAL D 76 -11.94 -27.74 -17.17
N ASP D 77 -11.71 -26.84 -16.22
CA ASP D 77 -11.46 -27.23 -14.80
C ASP D 77 -12.55 -28.09 -14.19
N LEU D 78 -13.83 -27.77 -14.47
CA LEU D 78 -14.96 -28.56 -13.92
C LEU D 78 -14.84 -30.03 -14.37
N GLY D 79 -14.46 -30.22 -15.62
CA GLY D 79 -14.22 -31.58 -16.13
C GLY D 79 -13.02 -32.26 -15.51
N THR D 80 -11.91 -31.52 -15.42
CA THR D 80 -10.69 -32.03 -14.80
C THR D 80 -10.88 -32.42 -13.35
N LEU D 81 -11.54 -31.57 -12.58
CA LEU D 81 -11.80 -31.88 -11.16
C LEU D 81 -12.72 -33.08 -10.94
N ARG D 82 -13.71 -33.23 -11.81
CA ARG D 82 -14.57 -34.43 -11.73
C ARG D 82 -13.72 -35.68 -11.84
N GLY D 83 -12.79 -35.66 -12.80
CA GLY D 83 -11.84 -36.77 -13.00
C GLY D 83 -10.91 -36.95 -11.80
N TYR D 84 -10.37 -35.86 -11.27
CA TYR D 84 -9.43 -35.96 -10.09
C TYR D 84 -10.18 -36.58 -8.89
N TYR D 85 -11.46 -36.27 -8.76
CA TYR D 85 -12.25 -36.74 -7.58
C TYR D 85 -13.14 -37.95 -7.86
N ASN D 86 -13.03 -38.52 -9.06
CA ASN D 86 -13.89 -39.65 -9.56
C ASN D 86 -15.37 -39.44 -9.30
N GLN D 87 -15.84 -38.27 -9.71
CA GLN D 87 -17.23 -37.90 -9.49
C GLN D 87 -18.08 -38.12 -10.73
N SER D 88 -19.36 -38.33 -10.55
CA SER D 88 -20.17 -38.65 -11.70
C SER D 88 -20.55 -37.44 -12.55
N GLU D 89 -20.97 -37.71 -13.79
CA GLU D 89 -21.39 -36.69 -14.74
C GLU D 89 -22.62 -35.95 -14.21
N ALA D 90 -23.43 -36.65 -13.42
CA ALA D 90 -24.77 -36.19 -13.10
C ALA D 90 -24.85 -35.03 -12.11
N GLY D 91 -23.84 -34.84 -11.26
CA GLY D 91 -23.97 -33.84 -10.21
C GLY D 91 -23.44 -32.46 -10.55
N SER D 92 -23.96 -31.42 -9.88
CA SER D 92 -23.54 -30.06 -10.09
C SER D 92 -22.38 -29.74 -9.15
N HIS D 93 -21.33 -29.09 -9.65
CA HIS D 93 -20.16 -28.77 -8.81
C HIS D 93 -19.80 -27.31 -8.99
N THR D 94 -19.07 -26.74 -8.02
CA THR D 94 -18.79 -25.30 -8.04
C THR D 94 -17.26 -25.09 -7.96
N VAL D 95 -16.74 -24.24 -8.85
CA VAL D 95 -15.35 -23.75 -8.76
C VAL D 95 -15.35 -22.26 -8.42
N GLN D 96 -14.47 -21.79 -7.51
CA GLN D 96 -14.41 -20.36 -7.22
C GLN D 96 -12.96 -19.97 -7.25
N ARG D 97 -12.66 -18.78 -7.76
CA ARG D 97 -11.28 -18.30 -7.80
C ARG D 97 -11.35 -16.84 -7.39
N MET D 98 -10.36 -16.40 -6.61
CA MET D 98 -10.29 -14.99 -6.18
C MET D 98 -8.85 -14.58 -6.29
N TYR D 99 -8.62 -13.40 -6.85
CA TYR D 99 -7.27 -12.88 -6.86
C TYR D 99 -7.24 -11.38 -6.82
N GLY D 100 -6.10 -10.84 -6.45
CA GLY D 100 -5.96 -9.39 -6.44
C GLY D 100 -4.82 -8.94 -5.57
N CYS D 101 -4.73 -7.62 -5.35
CA CYS D 101 -3.57 -7.00 -4.68
C CYS D 101 -4.04 -5.96 -3.69
N ASP D 102 -3.20 -5.73 -2.67
CA ASP D 102 -3.35 -4.64 -1.74
C ASP D 102 -2.17 -3.69 -1.95
N VAL D 103 -2.44 -2.39 -1.82
CA VAL D 103 -1.40 -1.37 -1.69
C VAL D 103 -1.46 -0.68 -0.32
N GLY D 104 -0.36 -0.07 0.10
CA GLY D 104 -0.40 0.58 1.40
C GLY D 104 -0.62 2.06 1.21
N SER D 105 -0.24 2.84 2.22
CA SER D 105 -0.51 4.27 2.22
C SER D 105 0.41 5.04 1.26
N ASP D 106 1.53 4.43 0.91
CA ASP D 106 2.41 5.00 -0.09
C ASP D 106 2.02 4.64 -1.53
N TRP D 107 0.82 4.04 -1.68
CA TRP D 107 0.25 3.46 -2.92
C TRP D 107 1.15 2.42 -3.62
N ARG D 108 2.03 1.77 -2.87
CA ARG D 108 2.90 0.71 -3.42
C ARG D 108 2.45 -0.65 -2.94
N PHE D 109 2.80 -1.67 -3.70
CA PHE D 109 2.48 -3.05 -3.36
C PHE D 109 2.68 -3.44 -1.89
N LEU D 110 1.63 -4.01 -1.32
CA LEU D 110 1.64 -4.53 0.05
C LEU D 110 1.56 -6.07 0.07
N ARG D 111 0.55 -6.64 -0.59
CA ARG D 111 0.29 -8.08 -0.52
C ARG D 111 -0.53 -8.53 -1.76
N GLY D 112 -0.37 -9.78 -2.17
CA GLY D 112 -1.14 -10.32 -3.30
C GLY D 112 -1.76 -11.65 -2.94
N TYR D 113 -2.81 -12.02 -3.68
CA TYR D 113 -3.60 -13.22 -3.37
C TYR D 113 -3.95 -13.89 -4.65
N HIS D 114 -3.98 -15.23 -4.68
CA HIS D 114 -4.60 -15.90 -5.83
C HIS D 114 -5.00 -17.27 -5.30
N GLN D 115 -6.30 -17.50 -5.09
CA GLN D 115 -6.68 -18.80 -4.51
C GLN D 115 -7.94 -19.34 -5.15
N TYR D 116 -8.12 -20.63 -4.94
CA TYR D 116 -9.12 -21.40 -5.67
C TYR D 116 -9.80 -22.35 -4.70
N ALA D 117 -11.08 -22.67 -4.95
CA ALA D 117 -11.85 -23.54 -4.08
C ALA D 117 -12.63 -24.47 -4.97
N TYR D 118 -12.86 -25.70 -4.51
CA TYR D 118 -13.76 -26.60 -5.25
C TYR D 118 -14.82 -27.09 -4.26
N ASP D 119 -16.07 -26.93 -4.67
CA ASP D 119 -17.26 -27.29 -3.84
C ASP D 119 -17.18 -26.69 -2.42
N GLY D 120 -16.73 -25.43 -2.35
CA GLY D 120 -16.80 -24.64 -1.10
C GLY D 120 -15.66 -24.83 -0.12
N LYS D 121 -14.67 -25.61 -0.54
CA LYS D 121 -13.49 -26.01 0.29
C LYS D 121 -12.21 -25.45 -0.41
N ASP D 122 -11.24 -24.89 0.36
CA ASP D 122 -9.91 -24.56 -0.19
C ASP D 122 -9.36 -25.70 -1.06
N TYR D 123 -8.87 -25.33 -2.26
CA TYR D 123 -8.29 -26.27 -3.19
C TYR D 123 -6.77 -25.97 -3.31
N ILE D 124 -6.43 -24.81 -3.89
CA ILE D 124 -5.02 -24.45 -3.93
C ILE D 124 -4.92 -22.94 -3.79
N ALA D 125 -3.84 -22.47 -3.17
CA ALA D 125 -3.68 -21.05 -2.91
C ALA D 125 -2.20 -20.64 -3.01
N LEU D 126 -1.99 -19.54 -3.67
CA LEU D 126 -0.65 -18.91 -3.66
C LEU D 126 -0.35 -18.41 -2.26
N LYS D 127 0.81 -18.78 -1.72
CA LYS D 127 1.24 -18.30 -0.41
C LYS D 127 1.64 -16.84 -0.47
N GLU D 128 1.81 -16.23 0.70
CA GLU D 128 2.10 -14.79 0.78
C GLU D 128 3.42 -14.38 0.10
N ASP D 129 4.36 -15.32 0.04
CA ASP D 129 5.65 -15.08 -0.64
C ASP D 129 5.55 -15.02 -2.14
N LEU D 130 4.41 -15.47 -2.65
CA LEU D 130 4.10 -15.37 -4.08
C LEU D 130 4.99 -16.30 -4.92
N ARG D 131 5.51 -17.34 -4.28
CA ARG D 131 6.30 -18.32 -5.05
C ARG D 131 6.11 -19.74 -4.63
N SER D 132 5.17 -20.02 -3.74
CA SER D 132 4.87 -21.41 -3.34
C SER D 132 3.39 -21.53 -3.15
N TRP D 133 2.94 -22.78 -3.08
CA TRP D 133 1.51 -23.11 -3.06
C TRP D 133 1.08 -23.86 -1.81
N THR D 134 -0.09 -23.54 -1.31
CA THR D 134 -0.77 -24.38 -0.29
C THR D 134 -1.80 -25.25 -0.99
N ALA D 135 -1.63 -26.58 -0.93
CA ALA D 135 -2.50 -27.55 -1.61
C ALA D 135 -2.71 -28.72 -0.66
N ALA D 136 -3.68 -28.66 0.23
CA ALA D 136 -3.93 -29.79 1.15
C ALA D 136 -4.32 -31.10 0.51
N ASP D 137 -5.28 -31.07 -0.43
N ASP D 137 -5.32 -31.14 -0.36
CA ASP D 137 -5.81 -32.31 -1.00
CA ASP D 137 -5.70 -32.49 -0.69
C ASP D 137 -4.78 -32.99 -1.88
C ASP D 137 -4.87 -33.01 -1.85
N MET D 138 -4.88 -34.31 -2.04
CA MET D 138 -4.01 -34.96 -2.97
C MET D 138 -4.28 -34.50 -4.40
N ALA D 139 -5.55 -34.27 -4.73
CA ALA D 139 -5.87 -33.74 -6.07
C ALA D 139 -5.24 -32.38 -6.34
N ALA D 140 -5.28 -31.51 -5.33
CA ALA D 140 -4.65 -30.19 -5.45
C ALA D 140 -3.11 -30.28 -5.54
N GLN D 141 -2.52 -31.35 -5.02
CA GLN D 141 -1.10 -31.58 -5.20
C GLN D 141 -0.79 -31.89 -6.68
N THR D 142 -1.70 -32.61 -7.35
CA THR D 142 -1.57 -32.85 -8.80
C THR D 142 -1.50 -31.52 -9.55
N THR D 143 -2.37 -30.58 -9.21
CA THR D 143 -2.42 -29.29 -9.83
C THR D 143 -1.12 -28.54 -9.51
N LYS D 144 -0.70 -28.64 -8.26
CA LYS D 144 0.52 -27.97 -7.84
C LYS D 144 1.70 -28.44 -8.67
N HIS D 145 1.81 -29.76 -8.91
CA HIS D 145 2.94 -30.27 -9.67
C HIS D 145 2.93 -29.66 -11.08
N LYS D 146 1.73 -29.60 -11.65
CA LYS D 146 1.59 -29.07 -13.03
C LYS D 146 1.90 -27.58 -13.08
N TRP D 147 1.46 -26.86 -12.05
CA TRP D 147 1.64 -25.39 -11.99
C TRP D 147 3.10 -25.07 -11.65
N GLU D 148 3.77 -25.98 -10.95
CA GLU D 148 5.16 -25.75 -10.67
C GLU D 148 5.98 -25.96 -11.95
N ALA D 149 5.68 -27.02 -12.68
CA ALA D 149 6.36 -27.28 -13.97
C ALA D 149 6.18 -26.18 -15.02
N ALA D 150 5.01 -25.58 -15.05
CA ALA D 150 4.66 -24.49 -15.98
C ALA D 150 5.06 -23.09 -15.46
N HIS D 151 5.65 -23.03 -14.27
CA HIS D 151 6.08 -21.72 -13.68
C HIS D 151 4.94 -20.71 -13.55
N VAL D 152 3.78 -21.20 -13.12
CA VAL D 152 2.56 -20.38 -12.94
C VAL D 152 2.80 -19.26 -11.90
N ALA D 153 3.43 -19.60 -10.78
CA ALA D 153 3.57 -18.62 -9.65
C ALA D 153 4.34 -17.38 -10.07
N GLU D 154 5.36 -17.57 -10.90
CA GLU D 154 6.08 -16.39 -11.36
C GLU D 154 5.28 -15.47 -12.26
N GLN D 155 4.46 -16.05 -13.13
CA GLN D 155 3.57 -15.27 -13.96
C GLN D 155 2.55 -14.52 -13.08
N LEU D 156 2.02 -15.19 -12.06
CA LEU D 156 1.01 -14.54 -11.20
C LEU D 156 1.62 -13.45 -10.37
N ARG D 157 2.84 -13.70 -9.88
CA ARG D 157 3.55 -12.69 -9.10
C ARG D 157 3.84 -11.42 -9.89
N ALA D 158 4.25 -11.53 -11.15
CA ALA D 158 4.50 -10.34 -11.97
C ALA D 158 3.19 -9.52 -12.20
N TYR D 159 2.06 -10.20 -12.38
CA TYR D 159 0.77 -9.50 -12.44
C TYR D 159 0.41 -8.79 -11.15
N LEU D 160 0.57 -9.50 -10.04
CA LEU D 160 0.06 -9.01 -8.73
C LEU D 160 0.87 -7.84 -8.24
N GLU D 161 2.16 -7.85 -8.55
CA GLU D 161 3.04 -6.73 -8.16
C GLU D 161 3.12 -5.61 -9.18
N GLY D 162 2.68 -5.88 -10.40
CA GLY D 162 2.83 -4.94 -11.48
C GLY D 162 1.50 -4.37 -11.90
N THR D 163 0.94 -5.02 -12.91
CA THR D 163 -0.32 -4.70 -13.56
C THR D 163 -1.47 -4.44 -12.59
N CYS D 164 -1.64 -5.32 -11.63
CA CYS D 164 -2.70 -5.17 -10.59
C CYS D 164 -2.61 -3.82 -9.85
N VAL D 165 -1.39 -3.49 -9.43
CA VAL D 165 -1.09 -2.24 -8.71
C VAL D 165 -1.31 -1.02 -9.63
N GLU D 166 -0.83 -1.10 -10.86
CA GLU D 166 -0.96 0.00 -11.84
C GLU D 166 -2.43 0.34 -12.08
N TRP D 167 -3.26 -0.69 -12.25
CA TRP D 167 -4.68 -0.44 -12.48
C TRP D 167 -5.45 -0.04 -11.22
N LEU D 168 -5.09 -0.62 -10.07
CA LEU D 168 -5.69 -0.19 -8.79
C LEU D 168 -5.48 1.31 -8.57
N ARG D 169 -4.27 1.76 -8.81
CA ARG D 169 -3.94 3.20 -8.68
C ARG D 169 -4.75 4.07 -9.63
N ARG D 170 -4.93 3.59 -10.87
CA ARG D 170 -5.72 4.29 -11.87
C ARG D 170 -7.15 4.42 -11.43
N TYR D 171 -7.70 3.31 -10.93
CA TYR D 171 -9.12 3.28 -10.49
C TYR D 171 -9.36 4.21 -9.28
N LEU D 172 -8.39 4.23 -8.36
CA LEU D 172 -8.47 5.05 -7.17
C LEU D 172 -8.40 6.54 -7.49
N GLU D 173 -7.71 6.88 -8.58
CA GLU D 173 -7.69 8.26 -9.04
C GLU D 173 -8.98 8.65 -9.75
N ASN D 174 -9.37 7.82 -10.70
CA ASN D 174 -10.57 8.08 -11.47
C ASN D 174 -11.88 8.09 -10.66
N GLY D 175 -11.93 7.24 -9.63
CA GLY D 175 -13.09 7.16 -8.76
C GLY D 175 -12.84 7.76 -7.41
N LYS D 176 -11.96 8.76 -7.38
CA LYS D 176 -11.50 9.42 -6.15
C LYS D 176 -12.61 9.70 -5.16
N GLU D 177 -13.68 10.33 -5.62
CA GLU D 177 -14.67 10.80 -4.64
C GLU D 177 -15.50 9.67 -3.99
N THR D 178 -15.60 8.55 -4.69
CA THR D 178 -16.21 7.30 -4.20
C THR D 178 -15.25 6.44 -3.38
N LEU D 179 -14.06 6.26 -3.91
CA LEU D 179 -13.14 5.32 -3.29
C LEU D 179 -12.27 5.90 -2.19
N GLN D 180 -11.82 7.14 -2.35
CA GLN D 180 -10.98 7.75 -1.30
C GLN D 180 -11.89 8.51 -0.34
N ARG D 181 -12.72 7.79 0.38
CA ARG D 181 -13.61 8.46 1.28
C ARG D 181 -13.86 7.56 2.46
N THR D 182 -14.33 8.18 3.52
CA THR D 182 -14.70 7.41 4.69
C THR D 182 -15.99 8.03 5.22
N ASP D 183 -17.02 7.21 5.42
CA ASP D 183 -18.28 7.70 6.01
C ASP D 183 -18.35 7.08 7.41
N ALA D 184 -18.24 7.90 8.47
CA ALA D 184 -18.32 7.41 9.84
C ALA D 184 -19.74 6.87 10.09
N PRO D 185 -19.89 5.82 10.91
CA PRO D 185 -21.22 5.32 11.24
C PRO D 185 -22.08 6.27 12.07
N LYS D 186 -23.37 6.28 11.77
CA LYS D 186 -24.32 7.02 12.61
C LYS D 186 -24.88 5.97 13.51
N THR D 187 -24.71 6.17 14.83
CA THR D 187 -24.96 5.09 15.79
C THR D 187 -26.07 5.47 16.75
N HIS D 188 -26.78 4.44 17.22
CA HIS D 188 -27.79 4.56 18.24
C HIS D 188 -28.09 3.20 18.82
N MET D 189 -28.80 3.14 19.94
CA MET D 189 -29.20 1.83 20.46
C MET D 189 -30.75 1.83 20.61
N THR D 190 -31.42 0.68 20.46
CA THR D 190 -32.83 0.64 20.67
C THR D 190 -33.15 -0.31 21.83
N HIS D 191 -34.30 -0.11 22.43
CA HIS D 191 -34.69 -0.91 23.61
C HIS D 191 -36.11 -1.43 23.37
N HIS D 192 -36.35 -2.74 23.54
CA HIS D 192 -37.73 -3.24 23.42
C HIS D 192 -37.92 -4.42 24.36
N ALA D 193 -38.98 -4.34 25.13
CA ALA D 193 -39.27 -5.42 26.09
C ALA D 193 -39.66 -6.69 25.32
N VAL D 194 -39.16 -7.83 25.78
CA VAL D 194 -39.44 -9.13 25.17
C VAL D 194 -40.52 -9.78 26.03
N SER D 195 -40.55 -9.31 27.26
CA SER D 195 -41.52 -9.73 28.26
C SER D 195 -41.52 -8.77 29.41
N ASP D 196 -42.17 -9.24 30.47
CA ASP D 196 -42.21 -8.62 31.78
C ASP D 196 -40.88 -8.35 32.44
N HIS D 197 -39.90 -9.19 32.11
CA HIS D 197 -38.69 -9.22 32.89
C HIS D 197 -37.46 -9.18 32.02
N GLU D 198 -37.61 -9.11 30.69
CA GLU D 198 -36.46 -9.04 29.79
C GLU D 198 -36.62 -8.03 28.68
N ALA D 199 -35.49 -7.54 28.17
CA ALA D 199 -35.48 -6.52 27.12
C ALA D 199 -34.38 -6.80 26.10
N THR D 200 -34.65 -6.49 24.84
CA THR D 200 -33.61 -6.58 23.82
C THR D 200 -32.97 -5.24 23.70
N LEU D 201 -31.64 -5.20 23.81
CA LEU D 201 -30.87 -3.98 23.52
C LEU D 201 -30.16 -4.18 22.20
N ARG D 202 -30.36 -3.30 21.23
CA ARG D 202 -29.69 -3.51 19.95
C ARG D 202 -28.87 -2.28 19.59
N CYS D 203 -27.58 -2.47 19.32
CA CYS D 203 -26.69 -1.38 19.02
C CYS D 203 -26.58 -1.28 17.51
N TRP D 204 -26.87 -0.11 16.95
CA TRP D 204 -26.91 0.09 15.50
C TRP D 204 -25.77 0.92 14.97
N ALA D 205 -25.29 0.55 13.78
CA ALA D 205 -24.42 1.42 13.03
C ALA D 205 -24.95 1.51 11.62
N LEU D 206 -25.17 2.73 11.15
CA LEU D 206 -25.74 2.98 9.84
C LEU D 206 -24.86 3.90 9.00
N SER D 207 -24.99 3.73 7.68
CA SER D 207 -24.52 4.71 6.71
C SER D 207 -23.00 4.87 6.71
N PHE D 208 -22.27 3.76 6.94
CA PHE D 208 -20.80 3.82 6.97
C PHE D 208 -20.12 3.22 5.76
N TYR D 209 -18.88 3.64 5.52
CA TYR D 209 -18.05 3.15 4.46
C TYR D 209 -16.61 3.43 4.88
N PRO D 210 -15.70 2.44 4.73
CA PRO D 210 -15.83 1.07 4.19
C PRO D 210 -16.53 0.13 5.15
N ALA D 211 -16.69 -1.12 4.76
CA ALA D 211 -17.58 -2.05 5.45
C ALA D 211 -17.00 -2.50 6.80
N GLU D 212 -15.67 -2.43 6.94
CA GLU D 212 -15.00 -2.93 8.14
C GLU D 212 -15.45 -2.15 9.37
N ILE D 213 -15.95 -2.88 10.39
CA ILE D 213 -16.45 -2.21 11.60
C ILE D 213 -16.47 -3.24 12.75
N THR D 214 -16.43 -2.78 14.00
CA THR D 214 -16.56 -3.67 15.11
C THR D 214 -17.62 -3.09 16.06
N LEU D 215 -18.58 -3.93 16.45
CA LEU D 215 -19.60 -3.58 17.45
C LEU D 215 -19.47 -4.58 18.57
N THR D 216 -19.41 -4.11 19.81
CA THR D 216 -19.22 -5.02 20.94
C THR D 216 -20.05 -4.54 22.11
N TRP D 217 -20.70 -5.46 22.81
CA TRP D 217 -21.41 -5.14 24.05
C TRP D 217 -20.55 -5.46 25.27
N GLN D 218 -20.55 -4.58 26.28
CA GLN D 218 -19.96 -4.89 27.57
C GLN D 218 -21.05 -4.86 28.64
N ARG D 219 -20.95 -5.75 29.64
CA ARG D 219 -21.73 -5.68 30.87
C ARG D 219 -20.72 -5.37 32.00
N ASP D 220 -20.84 -4.20 32.63
CA ASP D 220 -19.83 -3.70 33.57
C ASP D 220 -18.42 -3.81 33.04
N GLY D 221 -18.18 -3.50 31.79
CA GLY D 221 -16.81 -3.69 31.34
C GLY D 221 -16.37 -5.06 30.85
N GLU D 222 -17.18 -6.09 31.03
CA GLU D 222 -16.83 -7.42 30.50
C GLU D 222 -17.46 -7.63 29.14
N ASP D 223 -16.68 -8.03 28.14
CA ASP D 223 -17.22 -8.31 26.78
C ASP D 223 -18.26 -9.41 26.81
N GLN D 224 -19.38 -9.21 26.12
CA GLN D 224 -20.48 -10.18 26.10
C GLN D 224 -20.57 -11.02 24.82
N THR D 225 -19.42 -11.47 24.32
CA THR D 225 -19.34 -12.11 22.99
C THR D 225 -20.28 -13.28 22.73
N GLN D 226 -20.24 -14.22 23.67
CA GLN D 226 -21.05 -15.42 23.65
C GLN D 226 -22.56 -15.21 23.80
N ASP D 227 -22.99 -14.04 24.32
CA ASP D 227 -24.39 -13.74 24.41
C ASP D 227 -24.86 -12.68 23.44
N THR D 228 -23.94 -12.21 22.59
CA THR D 228 -24.32 -11.19 21.61
C THR D 228 -24.78 -11.83 20.28
N GLU D 229 -25.88 -11.32 19.73
CA GLU D 229 -26.25 -11.68 18.36
C GLU D 229 -25.69 -10.62 17.44
N LEU D 230 -24.79 -11.02 16.57
CA LEU D 230 -24.10 -10.05 15.71
C LEU D 230 -24.41 -10.39 14.25
N VAL D 231 -25.15 -9.51 13.54
CA VAL D 231 -25.54 -9.86 12.15
C VAL D 231 -24.43 -9.54 11.19
N GLU D 232 -24.47 -10.16 10.01
CA GLU D 232 -23.45 -9.87 8.97
C GLU D 232 -23.58 -8.45 8.48
N THR D 233 -22.43 -7.77 8.26
CA THR D 233 -22.50 -6.40 7.72
C THR D 233 -23.20 -6.43 6.38
N ARG D 234 -24.13 -5.49 6.17
CA ARG D 234 -25.02 -5.59 5.02
C ARG D 234 -24.99 -4.31 4.24
N PRO D 235 -25.17 -4.40 2.91
CA PRO D 235 -25.22 -3.18 2.12
C PRO D 235 -26.56 -2.46 2.19
N ALA D 236 -26.51 -1.13 2.31
CA ALA D 236 -27.75 -0.35 2.28
C ALA D 236 -28.28 -0.23 0.84
N GLY D 237 -27.38 -0.33 -0.15
CA GLY D 237 -27.76 -0.23 -1.54
C GLY D 237 -27.31 1.05 -2.21
N ASP D 238 -26.82 1.98 -1.38
CA ASP D 238 -26.37 3.30 -1.81
C ASP D 238 -24.85 3.48 -1.69
N GLY D 239 -24.10 2.38 -1.57
CA GLY D 239 -22.66 2.57 -1.37
C GLY D 239 -22.22 2.64 0.07
N THR D 240 -23.16 2.48 1.01
CA THR D 240 -22.83 2.43 2.44
C THR D 240 -23.35 1.14 3.06
N PHE D 241 -22.99 0.91 4.32
CA PHE D 241 -23.24 -0.37 4.95
C PHE D 241 -23.92 -0.18 6.29
N GLN D 242 -24.43 -1.27 6.84
CA GLN D 242 -25.16 -1.27 8.11
C GLN D 242 -24.73 -2.46 8.90
N LYS D 243 -24.90 -2.38 10.22
CA LYS D 243 -24.67 -3.57 11.06
C LYS D 243 -25.36 -3.34 12.41
N TRP D 244 -25.77 -4.42 13.07
CA TRP D 244 -26.25 -4.31 14.43
C TRP D 244 -25.76 -5.47 15.30
N ALA D 245 -25.86 -5.28 16.63
CA ALA D 245 -25.49 -6.31 17.59
C ALA D 245 -26.51 -6.20 18.70
N ALA D 246 -27.00 -7.34 19.18
CA ALA D 246 -28.03 -7.29 20.22
C ALA D 246 -27.75 -8.24 21.32
N VAL D 247 -28.24 -7.85 22.51
CA VAL D 247 -28.27 -8.74 23.68
C VAL D 247 -29.65 -8.70 24.32
N VAL D 248 -30.01 -9.79 24.98
CA VAL D 248 -31.27 -9.83 25.74
C VAL D 248 -30.92 -9.79 27.22
N VAL D 249 -31.49 -8.84 27.97
CA VAL D 249 -30.98 -8.46 29.27
C VAL D 249 -32.15 -8.48 30.26
N PRO D 250 -31.91 -8.82 31.51
CA PRO D 250 -32.96 -8.62 32.52
C PRO D 250 -33.36 -7.14 32.66
N SER D 251 -34.67 -6.86 32.64
CA SER D 251 -35.18 -5.48 32.81
C SER D 251 -34.66 -4.93 34.14
N GLY D 252 -34.14 -3.71 34.11
CA GLY D 252 -33.56 -3.12 35.28
C GLY D 252 -32.03 -3.01 35.15
N GLN D 253 -31.41 -3.88 34.37
CA GLN D 253 -29.95 -3.90 34.25
C GLN D 253 -29.37 -3.11 33.07
N GLU D 254 -30.20 -2.33 32.39
CA GLU D 254 -29.75 -1.61 31.19
C GLU D 254 -28.49 -0.77 31.40
N GLN D 255 -28.42 -0.12 32.54
CA GLN D 255 -27.32 0.82 32.80
C GLN D 255 -25.98 0.08 32.95
N ARG D 256 -26.03 -1.25 33.14
CA ARG D 256 -24.78 -2.02 33.14
C ARG D 256 -24.21 -2.25 31.75
N TYR D 257 -25.02 -2.09 30.70
CA TYR D 257 -24.65 -2.45 29.35
C TYR D 257 -24.25 -1.26 28.50
N THR D 258 -23.12 -1.41 27.79
CA THR D 258 -22.60 -0.34 26.93
C THR D 258 -22.21 -0.97 25.58
N CYS D 259 -22.42 -0.24 24.50
CA CYS D 259 -22.04 -0.72 23.17
C CYS D 259 -20.87 0.08 22.68
N HIS D 260 -19.94 -0.60 22.07
CA HIS D 260 -18.66 0.02 21.72
C HIS D 260 -18.47 -0.10 20.22
N VAL D 261 -18.23 1.03 19.56
CA VAL D 261 -18.15 1.01 18.12
C VAL D 261 -16.80 1.45 17.63
N GLN D 262 -16.18 0.63 16.77
CA GLN D 262 -14.90 0.97 16.15
C GLN D 262 -14.99 0.99 14.62
N HIS D 263 -14.53 2.09 14.02
CA HIS D 263 -14.60 2.30 12.57
C HIS D 263 -13.53 3.33 12.19
N GLU D 264 -12.93 3.15 11.03
CA GLU D 264 -11.87 4.05 10.59
C GLU D 264 -12.26 5.52 10.47
N GLY D 265 -13.55 5.75 10.26
CA GLY D 265 -14.16 7.07 10.21
C GLY D 265 -14.40 7.78 11.51
N LEU D 266 -14.26 7.08 12.62
CA LEU D 266 -14.40 7.68 13.93
C LEU D 266 -13.00 8.13 14.35
N PRO D 267 -12.87 9.36 14.90
CA PRO D 267 -11.57 9.80 15.40
C PRO D 267 -11.12 9.05 16.66
N LYS D 268 -12.08 8.43 17.36
CA LYS D 268 -11.89 7.70 18.61
C LYS D 268 -13.05 6.70 18.65
N PRO D 269 -12.84 5.51 19.23
CA PRO D 269 -13.95 4.56 19.39
C PRO D 269 -15.09 5.18 20.20
N LEU D 270 -16.34 4.83 19.86
CA LEU D 270 -17.51 5.41 20.52
C LEU D 270 -18.07 4.42 21.53
N THR D 271 -18.46 4.92 22.70
CA THR D 271 -19.20 4.12 23.65
C THR D 271 -20.59 4.74 23.77
N LEU D 272 -21.63 3.92 23.62
CA LEU D 272 -22.98 4.38 23.83
C LEU D 272 -23.54 3.78 25.10
N ARG D 273 -24.32 4.58 25.83
CA ARG D 273 -24.79 4.18 27.18
C ARG D 273 -26.28 4.38 27.36
N TRP D 274 -26.86 3.76 28.39
CA TRP D 274 -28.29 3.93 28.69
C TRP D 274 -28.60 5.00 29.77
N GLU D 275 -27.59 5.79 30.10
CA GLU D 275 -27.75 6.86 31.07
C GLU D 275 -26.78 7.95 30.66
N MET E 1 -21.33 -33.25 0.17
CA MET E 1 -20.83 -31.92 -0.24
C MET E 1 -21.07 -30.93 0.87
N ILE E 2 -20.18 -29.93 0.97
CA ILE E 2 -20.42 -28.75 1.80
C ILE E 2 -21.75 -28.12 1.45
N GLN E 3 -22.53 -27.81 2.48
CA GLN E 3 -23.72 -26.97 2.33
C GLN E 3 -23.75 -25.99 3.51
N ARG E 4 -24.03 -24.73 3.24
CA ARG E 4 -24.08 -23.70 4.26
C ARG E 4 -25.41 -22.93 4.12
N THR E 5 -26.07 -22.68 5.25
CA THR E 5 -27.41 -22.09 5.23
C THR E 5 -27.37 -20.60 5.04
N PRO E 6 -28.27 -20.04 4.20
CA PRO E 6 -28.29 -18.56 4.11
C PRO E 6 -28.74 -17.84 5.38
N LYS E 7 -28.03 -16.74 5.69
CA LYS E 7 -28.37 -15.84 6.79
C LYS E 7 -29.18 -14.73 6.11
N ILE E 8 -30.43 -14.53 6.50
CA ILE E 8 -31.36 -13.67 5.73
C ILE E 8 -31.69 -12.44 6.53
N GLN E 9 -31.51 -11.25 5.97
CA GLN E 9 -31.91 -10.02 6.63
C GLN E 9 -32.83 -9.21 5.71
N VAL E 10 -33.93 -8.72 6.26
CA VAL E 10 -34.87 -7.89 5.50
C VAL E 10 -34.95 -6.54 6.18
N TYR E 11 -34.78 -5.48 5.38
CA TYR E 11 -34.61 -4.15 6.00
C TYR E 11 -34.80 -3.10 4.95
N SER E 12 -35.01 -1.87 5.39
CA SER E 12 -35.10 -0.74 4.47
C SER E 12 -33.76 -0.02 4.38
N ARG E 13 -33.47 0.60 3.21
CA ARG E 13 -32.22 1.35 3.04
C ARG E 13 -32.13 2.52 4.03
N HIS E 14 -33.23 3.25 4.19
CA HIS E 14 -33.30 4.46 5.02
C HIS E 14 -34.33 4.20 6.12
N PRO E 15 -34.24 4.92 7.26
CA PRO E 15 -35.28 4.80 8.30
C PRO E 15 -36.69 4.97 7.70
N ALA E 16 -37.59 4.04 7.98
CA ALA E 16 -38.90 4.04 7.33
C ALA E 16 -39.83 5.14 7.82
N GLU E 17 -40.57 5.75 6.90
CA GLU E 17 -41.57 6.75 7.27
C GLU E 17 -42.77 6.54 6.36
N ASN E 18 -43.97 6.38 6.92
CA ASN E 18 -45.16 6.07 6.11
C ASN E 18 -45.40 7.12 5.03
N GLY E 19 -45.61 6.67 3.79
CA GLY E 19 -45.87 7.59 2.68
C GLY E 19 -44.64 8.08 1.93
N LYS E 20 -43.46 7.65 2.37
CA LYS E 20 -42.23 8.19 1.84
C LYS E 20 -41.41 7.12 1.17
N SER E 21 -41.11 7.31 -0.12
CA SER E 21 -40.39 6.30 -0.90
C SER E 21 -39.01 5.94 -0.33
N ASN E 22 -38.65 4.68 -0.52
CA ASN E 22 -37.54 4.06 0.21
C ASN E 22 -37.20 2.82 -0.64
N PHE E 23 -36.24 2.02 -0.19
CA PHE E 23 -35.90 0.77 -0.85
C PHE E 23 -35.96 -0.36 0.16
N LEU E 24 -36.55 -1.48 -0.26
CA LEU E 24 -36.66 -2.66 0.58
C LEU E 24 -35.61 -3.63 0.10
N ASN E 25 -34.82 -4.14 1.04
CA ASN E 25 -33.73 -5.05 0.80
C ASN E 25 -33.96 -6.40 1.45
N CYS E 26 -33.54 -7.46 0.76
CA CYS E 26 -33.35 -8.77 1.38
C CYS E 26 -31.92 -9.18 1.06
N TYR E 27 -31.09 -9.18 2.11
CA TYR E 27 -29.71 -9.58 1.98
C TYR E 27 -29.55 -11.04 2.40
N VAL E 28 -28.97 -11.87 1.53
CA VAL E 28 -28.75 -13.28 1.89
C VAL E 28 -27.24 -13.53 1.84
N SER E 29 -26.67 -14.06 2.90
CA SER E 29 -25.21 -14.25 2.91
C SER E 29 -24.87 -15.59 3.54
N GLY E 30 -23.62 -16.03 3.39
CA GLY E 30 -23.17 -17.18 4.14
C GLY E 30 -23.53 -18.51 3.52
N PHE E 31 -24.09 -18.51 2.30
CA PHE E 31 -24.64 -19.75 1.78
C PHE E 31 -23.75 -20.49 0.78
N HIS E 32 -24.02 -21.78 0.65
CA HIS E 32 -23.31 -22.63 -0.32
C HIS E 32 -24.13 -23.90 -0.48
N PRO E 33 -24.39 -24.38 -1.72
CA PRO E 33 -24.00 -23.87 -3.04
C PRO E 33 -24.79 -22.62 -3.46
N SER E 34 -24.51 -22.13 -4.66
CA SER E 34 -24.99 -20.82 -5.05
C SER E 34 -26.46 -20.74 -5.48
N ASP E 35 -27.08 -21.86 -5.84
CA ASP E 35 -28.48 -21.84 -6.31
C ASP E 35 -29.35 -21.46 -5.11
N ILE E 36 -30.13 -20.40 -5.25
CA ILE E 36 -30.98 -19.90 -4.18
C ILE E 36 -32.15 -19.22 -4.87
N GLU E 37 -33.31 -19.23 -4.21
CA GLU E 37 -34.49 -18.53 -4.71
C GLU E 37 -34.83 -17.48 -3.67
N VAL E 38 -34.94 -16.20 -4.07
CA VAL E 38 -35.25 -15.16 -3.11
C VAL E 38 -36.39 -14.34 -3.69
N ASP E 39 -37.45 -14.14 -2.92
CA ASP E 39 -38.57 -13.30 -3.37
C ASP E 39 -38.91 -12.28 -2.33
N LEU E 40 -39.20 -11.06 -2.74
CA LEU E 40 -39.71 -10.06 -1.81
C LEU E 40 -41.22 -10.12 -1.91
N LEU E 41 -41.90 -10.01 -0.78
CA LEU E 41 -43.34 -10.15 -0.75
C LEU E 41 -44.01 -8.90 -0.18
N LYS E 42 -45.14 -8.54 -0.77
CA LYS E 42 -46.04 -7.47 -0.26
C LYS E 42 -47.35 -8.12 0.03
N ASN E 43 -47.72 -8.15 1.33
CA ASN E 43 -48.95 -8.82 1.81
C ASN E 43 -49.06 -10.22 1.29
N GLY E 44 -47.92 -10.93 1.35
CA GLY E 44 -47.80 -12.31 0.89
C GLY E 44 -47.68 -12.58 -0.59
N GLU E 45 -47.78 -11.54 -1.41
CA GLU E 45 -47.69 -11.63 -2.87
C GLU E 45 -46.27 -11.29 -3.38
N ARG E 46 -45.76 -12.10 -4.30
CA ARG E 46 -44.44 -11.87 -4.87
C ARG E 46 -44.42 -10.53 -5.62
N ILE E 47 -43.42 -9.70 -5.31
CA ILE E 47 -43.19 -8.45 -6.03
C ILE E 47 -42.37 -8.78 -7.27
N GLU E 48 -42.94 -8.46 -8.45
CA GLU E 48 -42.28 -8.81 -9.69
C GLU E 48 -41.15 -7.88 -10.12
N LYS E 49 -41.17 -6.61 -9.68
CA LYS E 49 -40.11 -5.62 -10.04
C LYS E 49 -38.95 -5.63 -9.02
N VAL E 50 -38.33 -6.78 -8.84
CA VAL E 50 -37.20 -6.88 -7.90
C VAL E 50 -35.90 -7.03 -8.69
N GLU E 51 -34.84 -6.33 -8.27
CA GLU E 51 -33.55 -6.48 -8.89
C GLU E 51 -32.63 -7.20 -7.93
N HIS E 52 -31.48 -7.67 -8.42
CA HIS E 52 -30.48 -8.26 -7.51
C HIS E 52 -29.05 -7.99 -7.93
N SER E 53 -28.15 -8.16 -6.97
CA SER E 53 -26.75 -7.87 -7.18
C SER E 53 -26.12 -9.03 -7.91
N ASP E 54 -24.91 -8.82 -8.42
CA ASP E 54 -24.17 -9.87 -9.07
C ASP E 54 -23.53 -10.77 -8.05
N LEU E 55 -23.58 -12.08 -8.30
CA LEU E 55 -23.11 -13.08 -7.32
C LEU E 55 -21.63 -12.88 -6.99
N SER E 56 -21.35 -12.82 -5.69
CA SER E 56 -19.98 -12.70 -5.20
C SER E 56 -19.92 -13.57 -3.92
N PHE E 57 -18.75 -13.59 -3.31
CA PHE E 57 -18.52 -14.42 -2.14
C PHE E 57 -17.45 -13.81 -1.21
N SER E 58 -17.46 -14.29 0.04
CA SER E 58 -16.63 -13.74 1.08
C SER E 58 -15.36 -14.55 1.16
N LYS E 59 -14.50 -14.18 2.11
CA LYS E 59 -13.22 -14.86 2.29
C LYS E 59 -13.27 -16.39 2.51
N ASP E 60 -14.37 -16.84 3.12
CA ASP E 60 -14.59 -18.24 3.41
C ASP E 60 -15.33 -19.00 2.31
N TRP E 61 -15.52 -18.35 1.16
CA TRP E 61 -16.11 -18.89 -0.09
C TRP E 61 -17.62 -18.90 -0.09
N SER E 62 -18.21 -18.49 1.01
CA SER E 62 -19.65 -18.48 1.05
C SER E 62 -20.26 -17.31 0.27
N PHE E 63 -21.39 -17.56 -0.37
CA PHE E 63 -21.96 -16.56 -1.32
C PHE E 63 -22.77 -15.49 -0.61
N TYR E 64 -22.89 -14.32 -1.25
CA TYR E 64 -23.88 -13.31 -0.81
C TYR E 64 -24.61 -12.65 -2.00
N LEU E 65 -25.85 -12.20 -1.76
CA LEU E 65 -26.65 -11.54 -2.80
C LEU E 65 -27.56 -10.56 -2.13
N LEU E 66 -27.82 -9.45 -2.79
CA LEU E 66 -28.76 -8.47 -2.30
C LEU E 66 -29.91 -8.42 -3.30
N TYR E 67 -31.13 -8.61 -2.82
CA TYR E 67 -32.32 -8.42 -3.64
C TYR E 67 -33.02 -7.15 -3.17
N TYR E 68 -33.47 -6.33 -4.09
CA TYR E 68 -33.97 -5.03 -3.69
C TYR E 68 -35.05 -4.45 -4.61
N THR E 69 -35.93 -3.63 -4.02
CA THR E 69 -36.98 -2.95 -4.83
C THR E 69 -37.35 -1.60 -4.18
N GLU E 70 -37.84 -0.67 -4.99
CA GLU E 70 -38.41 0.58 -4.46
C GLU E 70 -39.70 0.25 -3.77
N PHE E 71 -39.93 0.85 -2.61
CA PHE E 71 -41.24 0.73 -1.98
C PHE E 71 -41.62 1.98 -1.25
N THR E 72 -42.91 2.14 -0.95
CA THR E 72 -43.36 3.21 -0.09
C THR E 72 -44.14 2.57 1.06
N PRO E 73 -43.52 2.52 2.26
CA PRO E 73 -44.14 1.89 3.42
C PRO E 73 -45.41 2.61 3.87
N THR E 74 -46.37 1.85 4.36
CA THR E 74 -47.59 2.38 4.95
C THR E 74 -47.82 1.67 6.29
N GLU E 75 -48.86 2.10 6.98
CA GLU E 75 -49.26 1.47 8.22
C GLU E 75 -49.65 0.01 8.05
N LYS E 76 -50.49 -0.28 7.05
CA LYS E 76 -51.09 -1.61 6.92
C LYS E 76 -50.28 -2.66 6.14
N ASP E 77 -49.43 -2.23 5.21
CA ASP E 77 -48.81 -3.20 4.29
C ASP E 77 -47.68 -3.94 4.95
N GLU E 78 -47.68 -5.25 4.75
CA GLU E 78 -46.70 -6.13 5.36
C GLU E 78 -45.69 -6.53 4.31
N TYR E 79 -44.41 -6.46 4.64
CA TYR E 79 -43.34 -6.85 3.72
C TYR E 79 -42.55 -8.01 4.29
N ALA E 80 -42.03 -8.86 3.41
CA ALA E 80 -41.28 -10.05 3.85
C ALA E 80 -40.33 -10.49 2.74
N CYS E 81 -39.43 -11.41 3.08
CA CYS E 81 -38.49 -12.02 2.10
C CYS E 81 -38.71 -13.51 2.24
N ARG E 82 -38.92 -14.21 1.13
CA ARG E 82 -39.05 -15.66 1.14
C ARG E 82 -37.85 -16.28 0.44
N VAL E 83 -37.16 -17.16 1.13
CA VAL E 83 -35.96 -17.75 0.61
C VAL E 83 -36.03 -19.27 0.57
N ASN E 84 -35.62 -19.90 -0.54
CA ASN E 84 -35.42 -21.35 -0.51
C ASN E 84 -34.02 -21.73 -0.99
N HIS E 85 -33.51 -22.83 -0.46
CA HIS E 85 -32.11 -23.23 -0.65
C HIS E 85 -32.06 -24.68 -0.22
N VAL E 86 -31.05 -25.44 -0.66
CA VAL E 86 -31.03 -26.89 -0.35
C VAL E 86 -30.95 -27.16 1.16
N THR E 87 -30.40 -26.20 1.94
CA THR E 87 -30.25 -26.38 3.41
C THR E 87 -31.55 -26.15 4.22
N LEU E 88 -32.59 -25.65 3.55
CA LEU E 88 -33.86 -25.34 4.22
C LEU E 88 -34.90 -26.39 3.92
N SER E 89 -35.56 -26.92 4.96
CA SER E 89 -36.54 -27.99 4.77
C SER E 89 -37.86 -27.54 4.16
N GLN E 90 -38.12 -26.23 4.19
CA GLN E 90 -39.19 -25.57 3.44
C GLN E 90 -38.78 -24.11 3.26
N PRO E 91 -39.43 -23.36 2.33
CA PRO E 91 -39.00 -21.96 2.27
C PRO E 91 -39.13 -21.16 3.58
N LYS E 92 -38.14 -20.31 3.83
CA LYS E 92 -38.06 -19.52 5.06
C LYS E 92 -38.61 -18.15 4.75
N ILE E 93 -39.60 -17.70 5.52
CA ILE E 93 -40.15 -16.34 5.35
C ILE E 93 -39.69 -15.46 6.55
N VAL E 94 -39.04 -14.36 6.24
CA VAL E 94 -38.59 -13.45 7.27
C VAL E 94 -39.37 -12.15 7.08
N LYS E 95 -40.05 -11.67 8.11
CA LYS E 95 -40.87 -10.47 7.96
C LYS E 95 -40.06 -9.21 8.17
N TRP E 96 -40.41 -8.17 7.43
CA TRP E 96 -39.82 -6.86 7.71
C TRP E 96 -40.35 -6.35 9.04
N ASP E 97 -39.44 -5.99 9.94
CA ASP E 97 -39.81 -5.45 11.24
C ASP E 97 -39.21 -4.07 11.31
N ARG E 98 -40.03 -3.05 11.19
CA ARG E 98 -39.42 -1.71 11.14
C ARG E 98 -39.01 -1.17 12.47
N ASP E 99 -39.43 -1.80 13.55
CA ASP E 99 -39.15 -1.29 14.89
C ASP E 99 -37.93 -1.91 15.53
N MET E 100 -37.05 -2.54 14.75
CA MET E 100 -35.83 -3.11 15.31
C MET E 100 -34.80 -2.04 15.73
N ALA F 1 -7.99 -4.15 -13.86
CA ALA F 1 -7.87 -5.00 -15.09
C ALA F 1 -7.46 -6.44 -14.75
N LEU F 2 -8.02 -7.38 -15.49
CA LEU F 2 -7.80 -8.81 -15.28
C LEU F 2 -6.38 -9.28 -15.62
N GLY F 3 -6.03 -10.44 -15.09
CA GLY F 3 -4.80 -11.10 -15.53
C GLY F 3 -4.98 -11.90 -16.82
N ILE F 4 -3.85 -12.36 -17.34
CA ILE F 4 -3.79 -13.14 -18.58
C ILE F 4 -3.04 -14.45 -18.34
N GLY F 5 -3.13 -15.36 -19.32
CA GLY F 5 -2.43 -16.66 -19.29
C GLY F 5 -2.68 -17.58 -18.10
N ILE F 6 -3.85 -17.42 -17.48
CA ILE F 6 -4.41 -18.27 -16.41
C ILE F 6 -4.55 -19.73 -16.84
N LEU F 7 -4.05 -20.68 -16.05
CA LEU F 7 -3.91 -22.05 -16.52
C LEU F 7 -4.94 -22.96 -15.88
N THR F 8 -5.32 -24.00 -16.60
CA THR F 8 -6.22 -25.04 -16.10
C THR F 8 -5.61 -25.83 -14.94
N VAL F 9 -6.47 -26.28 -14.02
CA VAL F 9 -5.96 -27.08 -12.90
C VAL F 9 -5.53 -28.50 -13.33
C1 GOL G . 39.19 -18.25 -2.47
O1 GOL G . 39.09 -17.38 -1.34
C2 GOL G . 37.89 -18.22 -3.24
O2 GOL G . 36.93 -18.81 -2.38
C3 GOL G . 37.99 -19.04 -4.54
O3 GOL G . 36.70 -19.22 -5.12
C1 GOL H . 14.68 10.28 -2.72
O1 GOL H . 13.56 11.11 -2.93
C2 GOL H . 15.90 11.17 -2.82
O2 GOL H . 16.68 11.04 -1.65
C3 GOL H . 16.67 10.56 -3.96
O3 GOL H . 16.92 9.19 -3.86
C1 GOL I . 8.79 30.81 -11.73
O1 GOL I . 9.33 30.78 -13.04
C2 GOL I . 9.78 31.58 -10.86
O2 GOL I . 9.05 32.29 -9.88
C3 GOL I . 10.58 30.55 -10.10
O3 GOL I . 10.20 30.70 -8.77
C1 GOL J . 5.00 24.74 -15.60
O1 GOL J . 5.74 25.38 -16.62
C2 GOL J . 4.42 25.84 -14.72
O2 GOL J . 4.17 26.98 -15.52
C3 GOL J . 3.10 25.41 -14.14
O3 GOL J . 3.14 25.54 -12.74
NA NA K . 33.37 11.22 18.14
C1 GOL L . -14.01 -7.64 -0.63
O1 GOL L . -13.04 -7.36 -1.61
C2 GOL L . -15.37 -7.42 -1.29
O2 GOL L . -16.19 -8.57 -1.11
C3 GOL L . -15.92 -6.25 -0.52
O3 GOL L . -17.32 -6.16 -0.53
C1 GOL M . -40.00 1.15 25.58
O1 GOL M . -38.66 1.56 25.83
C2 GOL M . -39.88 -0.24 24.98
O2 GOL M . -39.07 -1.07 25.80
C3 GOL M . -41.26 -0.84 24.97
O3 GOL M . -41.11 -2.09 24.37
NA NA N . -35.19 -26.66 0.09
#